data_3CM2
#
_entry.id   3CM2
#
_cell.length_a   77.529
_cell.length_b   108.349
_cell.length_c   225.308
_cell.angle_alpha   90.00
_cell.angle_beta   90.00
_cell.angle_gamma   90.00
#
_symmetry.space_group_name_H-M   'P 21 21 21'
#
loop_
_entity.id
_entity.type
_entity.pdbx_description
1 polymer 'Baculoviral IAP repeat-containing protein 4'
2 non-polymer 'ZINC ION'
3 non-polymer (3S,6S,7R,9aS)-6-{[(2S)-2-aminobutanoyl]amino}-7-(aminomethyl)-N-(diphenylmethyl)-5-oxooctahydro-1H-pyrrolo[1,2-a]azepine-3-carboxamide
4 water water
#
_entity_poly.entity_id   1
_entity_poly.type   'polypeptide(L)'
_entity_poly.pdbx_seq_one_letter_code
;MASMTGGQQMGRGSSDAVSSDRNFPNSTNLPRNPSMADYEARIFTFGTWIYSVNKEQLARAGFYALGEGDKVKCFHCGGG
LTDWKPSEDPWEQHAKWYPGCKYLLEQKGQEYINNIHLTHSLEECLVRTT
;
_entity_poly.pdbx_strand_id   D,A,B,C,E,F,G,H,I,J
#
loop_
_chem_comp.id
_chem_comp.type
_chem_comp.name
_chem_comp.formula
X23 non-polymer (3S,6S,7R,9aS)-6-{[(2S)-2-aminobutanoyl]amino}-7-(aminomethyl)-N-(diphenylmethyl)-5-oxooctahydro-1H-pyrrolo[1,2-a]azepine-3-carboxamide 'C28 H37 N5 O3'
ZN non-polymer 'ZINC ION' 'Zn 2'
#
# COMPACT_ATOMS: atom_id res chain seq x y z
N THR A 28 -26.76 45.10 -4.19
CA THR A 28 -28.21 44.99 -4.50
C THR A 28 -28.59 43.54 -4.82
N ASN A 29 -29.88 43.21 -4.67
CA ASN A 29 -30.42 41.90 -4.99
C ASN A 29 -30.42 41.65 -6.49
N LEU A 30 -29.30 41.13 -6.99
CA LEU A 30 -29.01 41.08 -8.43
C LEU A 30 -29.57 39.86 -9.15
N PRO A 31 -30.00 40.03 -10.42
CA PRO A 31 -30.57 38.94 -11.22
C PRO A 31 -29.58 37.81 -11.41
N ARG A 32 -29.92 36.63 -10.88
CA ARG A 32 -29.02 35.49 -10.87
C ARG A 32 -28.68 34.98 -12.27
N ASN A 33 -29.58 35.23 -13.23
CA ASN A 33 -29.37 34.89 -14.63
C ASN A 33 -29.77 36.06 -15.55
N PRO A 34 -28.88 37.07 -15.66
CA PRO A 34 -29.20 38.26 -16.47
C PRO A 34 -29.60 37.98 -17.92
N SER A 35 -29.14 36.86 -18.47
CA SER A 35 -29.43 36.55 -19.88
C SER A 35 -30.87 36.08 -20.08
N MET A 36 -31.55 35.77 -18.98
CA MET A 36 -32.96 35.35 -19.05
C MET A 36 -33.90 36.43 -18.52
N ALA A 37 -33.39 37.65 -18.38
CA ALA A 37 -34.17 38.78 -17.86
C ALA A 37 -35.35 39.13 -18.75
N ASP A 38 -35.17 38.97 -20.06
CA ASP A 38 -36.23 39.26 -21.02
C ASP A 38 -37.23 38.13 -21.13
N TYR A 39 -38.51 38.49 -21.16
CA TYR A 39 -39.58 37.53 -21.38
C TYR A 39 -39.29 36.71 -22.64
N GLU A 40 -38.79 37.38 -23.68
CA GLU A 40 -38.52 36.77 -24.98
C GLU A 40 -37.62 35.55 -24.86
N ALA A 41 -36.47 35.74 -24.22
CA ALA A 41 -35.52 34.66 -23.97
C ALA A 41 -36.14 33.51 -23.18
N ARG A 42 -37.20 33.79 -22.43
CA ARG A 42 -37.77 32.79 -21.52
C ARG A 42 -38.76 31.86 -22.20
N ILE A 43 -39.70 32.41 -22.98
CA ILE A 43 -40.67 31.54 -23.70
C ILE A 43 -39.99 30.68 -24.76
N PHE A 44 -38.89 31.17 -25.30
CA PHE A 44 -38.14 30.44 -26.30
C PHE A 44 -37.77 29.04 -25.80
N THR A 45 -37.37 28.96 -24.53
CA THR A 45 -36.93 27.72 -23.91
C THR A 45 -38.04 26.67 -23.82
N PHE A 46 -39.28 27.14 -23.90
CA PHE A 46 -40.45 26.26 -23.83
C PHE A 46 -40.91 25.75 -25.20
N GLY A 47 -40.04 25.87 -26.21
CA GLY A 47 -40.34 25.44 -27.58
C GLY A 47 -41.23 24.22 -27.68
N THR A 48 -40.76 23.10 -27.15
CA THR A 48 -41.51 21.84 -27.16
C THR A 48 -41.95 21.50 -25.74
N TRP A 49 -43.05 22.11 -25.31
CA TRP A 49 -43.54 21.92 -23.95
C TRP A 49 -44.70 20.94 -23.95
N ILE A 50 -44.48 19.75 -23.40
CA ILE A 50 -45.49 18.69 -23.40
C ILE A 50 -46.29 18.60 -22.10
N TYR A 51 -46.08 19.58 -21.20
CA TYR A 51 -46.65 19.52 -19.86
C TYR A 51 -47.86 20.45 -19.71
N SER A 52 -48.73 20.13 -18.76
CA SER A 52 -50.04 20.77 -18.69
C SER A 52 -50.04 22.15 -18.03
N VAL A 53 -48.91 22.54 -17.44
CA VAL A 53 -48.77 23.89 -16.90
C VAL A 53 -48.39 24.86 -18.02
N ASN A 54 -49.14 25.95 -18.12
CA ASN A 54 -49.04 26.90 -19.21
C ASN A 54 -47.71 27.60 -19.27
N LYS A 55 -47.04 27.50 -20.42
CA LYS A 55 -45.70 28.04 -20.61
C LYS A 55 -45.64 29.57 -20.56
N GLU A 56 -46.71 30.24 -20.97
CA GLU A 56 -46.77 31.70 -20.94
C GLU A 56 -46.88 32.21 -19.50
N GLN A 57 -47.68 31.53 -18.69
CA GLN A 57 -47.74 31.79 -17.25
C GLN A 57 -46.36 31.61 -16.59
N LEU A 58 -45.71 30.48 -16.87
CA LEU A 58 -44.39 30.21 -16.29
C LEU A 58 -43.39 31.31 -16.63
N ALA A 59 -43.38 31.73 -17.89
CA ALA A 59 -42.43 32.73 -18.36
C ALA A 59 -42.72 34.13 -17.79
N ARG A 60 -43.99 34.48 -17.68
CA ARG A 60 -44.43 35.73 -17.02
C ARG A 60 -44.00 35.75 -15.55
N ALA A 61 -44.05 34.57 -14.93
CA ALA A 61 -43.68 34.41 -13.53
C ALA A 61 -42.15 34.37 -13.28
N GLY A 62 -41.37 34.57 -14.34
CA GLY A 62 -39.90 34.62 -14.23
C GLY A 62 -39.17 33.34 -14.59
N PHE A 63 -39.93 32.27 -14.87
CA PHE A 63 -39.34 30.96 -15.13
C PHE A 63 -38.87 30.73 -16.57
N TYR A 64 -37.87 29.86 -16.74
CA TYR A 64 -37.52 29.32 -18.05
C TYR A 64 -37.25 27.83 -17.92
N ALA A 65 -37.47 27.08 -19.00
CA ALA A 65 -37.25 25.63 -18.99
C ALA A 65 -35.76 25.29 -19.11
N LEU A 66 -35.35 24.18 -18.52
CA LEU A 66 -33.96 23.74 -18.61
C LEU A 66 -33.76 22.77 -19.77
N GLY A 67 -34.81 22.05 -20.13
CA GLY A 67 -34.74 21.08 -21.21
C GLY A 67 -34.61 19.68 -20.65
N GLU A 68 -35.03 19.53 -19.39
CA GLU A 68 -34.88 18.29 -18.66
C GLU A 68 -36.18 17.99 -17.90
N GLY A 69 -37.13 17.38 -18.59
CA GLY A 69 -38.47 17.18 -18.04
C GLY A 69 -39.18 18.52 -17.91
N ASP A 70 -39.90 18.72 -16.81
CA ASP A 70 -40.55 20.01 -16.56
C ASP A 70 -39.73 21.00 -15.71
N LYS A 71 -38.46 20.68 -15.46
CA LYS A 71 -37.59 21.56 -14.67
C LYS A 71 -37.62 22.98 -15.18
N VAL A 72 -37.99 23.92 -14.33
CA VAL A 72 -37.93 25.34 -14.67
C VAL A 72 -37.18 26.05 -13.57
N LYS A 73 -36.73 27.26 -13.84
CA LYS A 73 -35.94 28.01 -12.89
C LYS A 73 -36.27 29.49 -12.98
N CYS A 74 -36.23 30.21 -11.86
CA CYS A 74 -36.46 31.65 -11.91
C CYS A 74 -35.18 32.35 -12.35
N PHE A 75 -35.29 33.22 -13.34
CA PHE A 75 -34.15 33.96 -13.83
C PHE A 75 -33.56 34.89 -12.79
N HIS A 76 -34.35 35.25 -11.78
CA HIS A 76 -33.91 36.25 -10.83
C HIS A 76 -33.43 35.71 -9.48
N CYS A 77 -34.20 34.83 -8.88
CA CYS A 77 -33.79 34.27 -7.60
C CYS A 77 -33.10 32.94 -7.77
N GLY A 78 -33.24 32.36 -8.97
CA GLY A 78 -32.64 31.07 -9.27
C GLY A 78 -33.42 29.88 -8.75
N GLY A 79 -34.57 30.14 -8.14
CA GLY A 79 -35.39 29.07 -7.57
C GLY A 79 -35.86 28.13 -8.66
N GLY A 80 -35.74 26.83 -8.41
CA GLY A 80 -36.13 25.79 -9.37
C GLY A 80 -37.27 24.90 -8.91
N LEU A 81 -38.11 24.48 -9.85
CA LEU A 81 -39.29 23.68 -9.54
C LEU A 81 -39.49 22.61 -10.61
N THR A 82 -39.92 21.43 -10.17
CA THR A 82 -40.24 20.32 -11.07
C THR A 82 -41.50 19.64 -10.61
N ASP A 83 -41.94 18.67 -11.41
CA ASP A 83 -43.06 17.79 -11.07
C ASP A 83 -44.31 18.65 -10.77
N TRP A 84 -44.56 19.59 -11.66
CA TRP A 84 -45.75 20.42 -11.60
C TRP A 84 -46.98 19.55 -11.74
N LYS A 85 -47.89 19.67 -10.77
CA LYS A 85 -49.20 19.08 -10.87
C LYS A 85 -50.06 19.96 -11.78
N PRO A 86 -50.95 19.34 -12.58
CA PRO A 86 -51.72 20.02 -13.63
C PRO A 86 -52.42 21.32 -13.23
N SER A 87 -52.88 21.40 -11.98
CA SER A 87 -53.63 22.58 -11.50
C SER A 87 -52.79 23.71 -10.88
N GLU A 88 -51.56 23.40 -10.48
CA GLU A 88 -50.70 24.34 -9.72
C GLU A 88 -50.38 25.62 -10.47
N ASP A 89 -50.31 26.73 -9.73
CA ASP A 89 -50.14 28.05 -10.34
C ASP A 89 -48.70 28.61 -10.21
N PRO A 90 -48.08 28.97 -11.35
CA PRO A 90 -46.70 29.48 -11.39
C PRO A 90 -46.38 30.63 -10.43
N TRP A 91 -47.19 31.67 -10.42
CA TRP A 91 -46.98 32.76 -9.47
C TRP A 91 -47.15 32.30 -8.01
N GLU A 92 -48.15 31.48 -7.74
CA GLU A 92 -48.35 30.97 -6.39
C GLU A 92 -47.16 30.12 -5.93
N GLN A 93 -46.76 29.16 -6.76
CA GLN A 93 -45.58 28.31 -6.48
C GLN A 93 -44.33 29.14 -6.26
N HIS A 94 -44.11 30.12 -7.13
CA HIS A 94 -42.98 31.00 -6.95
C HIS A 94 -42.98 31.60 -5.54
N ALA A 95 -44.16 32.07 -5.09
CA ALA A 95 -44.31 32.72 -3.78
C ALA A 95 -44.21 31.75 -2.62
N LYS A 96 -44.72 30.53 -2.78
CA LYS A 96 -44.68 29.55 -1.71
C LYS A 96 -43.23 29.11 -1.44
N TRP A 97 -42.52 28.67 -2.49
CA TRP A 97 -41.16 28.15 -2.37
C TRP A 97 -40.09 29.23 -2.25
N TYR A 98 -40.20 30.30 -3.03
CA TYR A 98 -39.15 31.33 -3.05
C TYR A 98 -39.66 32.75 -2.82
N PRO A 99 -40.27 32.98 -1.64
CA PRO A 99 -40.87 34.28 -1.31
C PRO A 99 -39.88 35.44 -1.32
N GLY A 100 -38.59 35.13 -1.30
CA GLY A 100 -37.57 36.17 -1.19
C GLY A 100 -37.28 36.88 -2.49
N CYS A 101 -37.65 36.28 -3.61
CA CYS A 101 -37.37 36.85 -4.93
C CYS A 101 -37.80 38.30 -5.10
N LYS A 102 -36.90 39.13 -5.63
CA LYS A 102 -37.16 40.56 -5.83
C LYS A 102 -38.05 40.80 -7.05
N TYR A 103 -37.90 39.94 -8.06
CA TYR A 103 -38.77 39.98 -9.23
C TYR A 103 -40.22 39.69 -8.82
N LEU A 104 -40.39 38.68 -7.96
CA LEU A 104 -41.69 38.37 -7.39
C LEU A 104 -42.27 39.57 -6.61
N LEU A 105 -41.43 40.24 -5.84
CA LEU A 105 -41.87 41.38 -5.04
C LEU A 105 -42.35 42.56 -5.89
N GLU A 106 -41.59 42.93 -6.91
CA GLU A 106 -41.96 44.10 -7.71
C GLU A 106 -43.11 43.81 -8.70
N GLN A 107 -43.37 42.53 -8.97
CA GLN A 107 -44.48 42.15 -9.83
C GLN A 107 -45.79 41.93 -9.06
N LYS A 108 -45.70 41.36 -7.86
CA LYS A 108 -46.90 40.91 -7.16
C LYS A 108 -47.17 41.63 -5.86
N GLY A 109 -46.11 42.17 -5.24
CA GLY A 109 -46.25 42.98 -4.02
C GLY A 109 -46.26 42.16 -2.74
N GLN A 110 -46.01 42.85 -1.63
CA GLN A 110 -45.88 42.21 -0.33
C GLN A 110 -47.12 41.42 0.08
N GLU A 111 -48.30 41.96 -0.21
CA GLU A 111 -49.53 41.39 0.29
C GLU A 111 -49.79 40.08 -0.39
N TYR A 112 -49.53 40.03 -1.70
CA TYR A 112 -49.69 38.78 -2.43
C TYR A 112 -48.82 37.68 -1.81
N ILE A 113 -47.53 37.97 -1.62
CA ILE A 113 -46.57 36.99 -1.12
C ILE A 113 -47.01 36.51 0.25
N ASN A 114 -47.22 37.46 1.17
CA ASN A 114 -47.65 37.10 2.52
C ASN A 114 -49.00 36.35 2.53
N ASN A 115 -49.86 36.68 1.57
CA ASN A 115 -51.15 36.02 1.42
C ASN A 115 -51.03 34.50 1.20
N ILE A 116 -50.13 34.13 0.29
CA ILE A 116 -49.89 32.72 -0.04
C ILE A 116 -49.44 31.95 1.20
N HIS A 117 -48.54 32.55 1.98
CA HIS A 117 -48.00 31.89 3.17
C HIS A 117 -49.03 31.78 4.28
N LEU A 118 -49.76 32.87 4.54
CA LEU A 118 -50.86 32.83 5.49
C LEU A 118 -51.83 31.71 5.15
N THR A 119 -52.20 31.63 3.88
CA THR A 119 -53.19 30.66 3.41
C THR A 119 -52.72 29.25 3.68
N HIS A 120 -51.45 28.98 3.37
CA HIS A 120 -50.90 27.65 3.60
C HIS A 120 -50.85 27.30 5.09
N SER A 121 -50.52 28.28 5.95
CA SER A 121 -50.52 28.07 7.39
C SER A 121 -51.93 27.80 7.91
N LEU A 122 -52.89 28.60 7.44
CA LEU A 122 -54.28 28.44 7.82
C LEU A 122 -54.74 27.04 7.45
N GLU A 123 -54.57 26.66 6.19
CA GLU A 123 -54.99 25.35 5.73
C GLU A 123 -54.34 24.25 6.56
N GLU A 124 -53.01 24.33 6.67
CA GLU A 124 -52.22 23.45 7.51
C GLU A 124 -52.86 23.24 8.88
N CYS A 125 -53.36 24.34 9.46
CA CYS A 125 -53.81 24.39 10.83
C CYS A 125 -55.27 23.97 11.01
N LEU A 126 -56.11 24.28 10.03
CA LEU A 126 -57.52 23.86 10.06
C LEU A 126 -57.66 22.35 9.87
N VAL A 127 -56.97 21.83 8.86
CA VAL A 127 -56.85 20.37 8.68
C VAL A 127 -55.88 19.86 9.75
N ARG A 128 -56.27 18.81 10.46
CA ARG A 128 -55.55 18.37 11.68
C ARG A 128 -55.92 19.19 12.92
N THR A 129 -56.87 20.13 12.76
CA THR A 129 -57.55 20.91 13.83
C THR A 129 -56.59 21.76 14.65
N SER B 27 -21.63 37.91 -1.33
CA SER B 27 -21.15 39.24 -1.80
C SER B 27 -20.45 39.95 -0.65
N THR B 28 -21.23 40.32 0.37
CA THR B 28 -20.71 40.77 1.66
C THR B 28 -20.99 39.64 2.64
N ASN B 29 -20.08 39.42 3.59
CA ASN B 29 -20.19 38.25 4.43
C ASN B 29 -20.19 38.53 5.93
N LEU B 30 -21.15 39.35 6.35
CA LEU B 30 -21.26 39.77 7.74
C LEU B 30 -21.91 38.68 8.60
N PRO B 31 -21.54 38.60 9.88
CA PRO B 31 -22.12 37.58 10.78
C PRO B 31 -23.60 37.81 11.05
N ARG B 32 -24.36 36.73 11.11
CA ARG B 32 -25.78 36.84 11.35
C ARG B 32 -26.15 37.25 12.78
N ASN B 33 -25.22 37.06 13.71
CA ASN B 33 -25.42 37.51 15.09
C ASN B 33 -24.16 38.16 15.67
N PRO B 34 -23.93 39.45 15.35
CA PRO B 34 -22.71 40.14 15.79
C PRO B 34 -22.58 40.18 17.30
N SER B 35 -23.71 40.08 18.00
CA SER B 35 -23.75 40.09 19.45
C SER B 35 -23.21 38.78 20.04
N MET B 36 -22.93 37.81 19.18
CA MET B 36 -22.30 36.56 19.62
C MET B 36 -20.96 36.30 18.92
N ALA B 37 -20.37 37.33 18.31
CA ALA B 37 -19.08 37.15 17.62
C ALA B 37 -17.94 36.81 18.59
N ASP B 38 -18.10 37.21 19.86
CA ASP B 38 -17.07 37.01 20.86
C ASP B 38 -17.22 35.70 21.61
N TYR B 39 -16.10 35.00 21.75
CA TYR B 39 -16.03 33.72 22.46
C TYR B 39 -16.71 33.80 23.82
N GLU B 40 -16.37 34.84 24.60
CA GLU B 40 -16.94 35.05 25.93
C GLU B 40 -18.47 34.97 25.95
N ALA B 41 -19.12 35.72 25.06
CA ALA B 41 -20.56 35.72 24.94
C ALA B 41 -21.11 34.32 24.65
N ARG B 42 -20.36 33.54 23.86
CA ARG B 42 -20.80 32.19 23.48
C ARG B 42 -20.71 31.17 24.60
N ILE B 43 -19.57 31.09 25.30
CA ILE B 43 -19.44 30.06 26.35
C ILE B 43 -20.46 30.32 27.45
N PHE B 44 -20.72 31.60 27.71
CA PHE B 44 -21.69 32.00 28.74
C PHE B 44 -23.04 31.31 28.59
N THR B 45 -23.51 31.19 27.34
CA THR B 45 -24.77 30.51 27.04
C THR B 45 -24.77 29.03 27.43
N PHE B 46 -23.59 28.49 27.74
CA PHE B 46 -23.44 27.08 28.12
C PHE B 46 -23.39 26.83 29.64
N GLY B 47 -23.70 27.87 30.42
CA GLY B 47 -23.74 27.78 31.88
C GLY B 47 -24.37 26.49 32.42
N THR B 48 -25.54 26.13 31.89
CA THR B 48 -26.23 24.92 32.31
C THR B 48 -26.26 23.87 31.20
N TRP B 49 -25.08 23.54 30.67
CA TRP B 49 -24.97 22.53 29.62
C TRP B 49 -24.86 21.14 30.24
N ILE B 50 -25.80 20.26 29.91
CA ILE B 50 -25.86 18.94 30.53
C ILE B 50 -25.62 17.77 29.56
N TYR B 51 -25.21 18.09 28.33
CA TYR B 51 -25.03 17.06 27.30
C TYR B 51 -23.55 16.73 27.08
N SER B 52 -23.30 15.56 26.48
CA SER B 52 -21.94 15.02 26.39
C SER B 52 -21.05 15.68 25.34
N VAL B 53 -21.61 16.55 24.51
CA VAL B 53 -20.81 17.27 23.53
C VAL B 53 -20.12 18.47 24.17
N ASN B 54 -18.80 18.49 24.08
CA ASN B 54 -17.99 19.48 24.79
C ASN B 54 -18.38 20.92 24.45
N LYS B 55 -18.51 21.74 25.49
CA LYS B 55 -18.98 23.12 25.34
C LYS B 55 -17.94 24.10 24.80
N GLU B 56 -16.69 23.93 25.22
CA GLU B 56 -15.59 24.77 24.72
C GLU B 56 -15.36 24.55 23.22
N GLN B 57 -15.49 23.28 22.80
CA GLN B 57 -15.43 22.92 21.39
C GLN B 57 -16.54 23.60 20.59
N LEU B 58 -17.79 23.49 21.07
CA LEU B 58 -18.93 24.14 20.44
C LEU B 58 -18.67 25.64 20.28
N ALA B 59 -18.34 26.29 21.39
CA ALA B 59 -18.07 27.72 21.40
C ALA B 59 -16.92 28.16 20.47
N ARG B 60 -15.86 27.36 20.39
CA ARG B 60 -14.75 27.63 19.47
C ARG B 60 -15.17 27.46 18.00
N ALA B 61 -16.04 26.48 17.77
CA ALA B 61 -16.62 26.24 16.45
C ALA B 61 -17.72 27.25 16.03
N GLY B 62 -17.94 28.28 16.84
CA GLY B 62 -18.84 29.37 16.47
C GLY B 62 -20.25 29.27 17.02
N PHE B 63 -20.51 28.20 17.78
CA PHE B 63 -21.84 27.91 18.33
C PHE B 63 -22.12 28.49 19.71
N TYR B 64 -23.37 28.91 19.92
CA TYR B 64 -23.87 29.26 21.26
C TYR B 64 -25.16 28.51 21.54
N ALA B 65 -25.43 28.21 22.80
CA ALA B 65 -26.66 27.51 23.16
C ALA B 65 -27.86 28.46 23.17
N LEU B 66 -29.04 27.93 22.88
CA LEU B 66 -30.26 28.73 22.81
C LEU B 66 -31.04 28.66 24.10
N GLY B 67 -30.73 27.67 24.92
CA GLY B 67 -31.38 27.46 26.20
C GLY B 67 -32.51 26.48 26.08
N GLU B 68 -32.63 25.88 24.89
CA GLU B 68 -33.71 24.94 24.62
C GLU B 68 -33.11 23.63 24.13
N GLY B 69 -33.18 22.60 24.98
CA GLY B 69 -32.55 21.31 24.71
C GLY B 69 -31.07 21.48 24.37
N ASP B 70 -30.61 20.71 23.38
CA ASP B 70 -29.23 20.86 22.89
C ASP B 70 -29.16 21.67 21.59
N LYS B 71 -30.07 22.63 21.44
CA LYS B 71 -30.08 23.52 20.29
C LYS B 71 -28.92 24.48 20.41
N VAL B 72 -28.05 24.47 19.41
CA VAL B 72 -27.02 25.49 19.29
C VAL B 72 -27.09 26.09 17.90
N LYS B 73 -26.47 27.26 17.73
CA LYS B 73 -26.52 27.98 16.47
C LYS B 73 -25.21 28.74 16.25
N CYS B 74 -24.73 28.76 15.00
CA CYS B 74 -23.48 29.46 14.66
C CYS B 74 -23.72 30.96 14.52
N PHE B 75 -22.89 31.76 15.18
CA PHE B 75 -23.10 33.21 15.20
C PHE B 75 -22.97 33.77 13.81
N HIS B 76 -22.09 33.17 13.02
CA HIS B 76 -21.70 33.76 11.75
C HIS B 76 -22.63 33.41 10.60
N CYS B 77 -22.93 32.12 10.42
CA CYS B 77 -23.65 31.68 9.24
C CYS B 77 -25.13 31.50 9.54
N GLY B 78 -25.46 31.40 10.82
CA GLY B 78 -26.83 31.21 11.24
C GLY B 78 -27.21 29.76 11.37
N GLY B 79 -26.28 28.86 11.03
CA GLY B 79 -26.58 27.43 11.02
C GLY B 79 -26.90 26.92 12.42
N GLY B 80 -28.03 26.22 12.54
CA GLY B 80 -28.49 25.66 13.82
C GLY B 80 -28.40 24.15 13.85
N LEU B 81 -28.13 23.60 15.04
CA LEU B 81 -27.92 22.15 15.23
C LEU B 81 -28.50 21.64 16.55
N THR B 82 -29.15 20.48 16.48
CA THR B 82 -29.76 19.79 17.62
C THR B 82 -29.63 18.28 17.51
N ASP B 83 -30.09 17.59 18.55
CA ASP B 83 -30.04 16.15 18.62
C ASP B 83 -28.62 15.64 18.36
N TRP B 84 -27.67 16.18 19.13
CA TRP B 84 -26.27 15.75 19.07
C TRP B 84 -26.10 14.33 19.61
N LYS B 85 -25.51 13.46 18.79
CA LYS B 85 -25.08 12.13 19.24
C LYS B 85 -23.78 12.26 20.02
N PRO B 86 -23.47 11.30 20.91
CA PRO B 86 -22.40 11.53 21.89
C PRO B 86 -20.99 11.69 21.29
N SER B 87 -20.78 11.12 20.11
CA SER B 87 -19.47 11.10 19.45
C SER B 87 -19.29 12.14 18.34
N GLU B 88 -20.32 12.93 18.07
CA GLU B 88 -20.30 13.90 16.97
C GLU B 88 -19.45 15.12 17.28
N ASP B 89 -18.63 15.51 16.31
CA ASP B 89 -17.68 16.60 16.47
C ASP B 89 -18.24 17.93 15.94
N PRO B 90 -18.18 19.00 16.75
CA PRO B 90 -18.71 20.32 16.38
C PRO B 90 -18.29 20.81 15.00
N TRP B 91 -16.99 20.84 14.73
CA TRP B 91 -16.48 21.33 13.44
C TRP B 91 -16.89 20.47 12.25
N GLU B 92 -16.89 19.16 12.42
CA GLU B 92 -17.27 18.23 11.38
C GLU B 92 -18.72 18.49 10.99
N GLN B 93 -19.56 18.61 12.01
CA GLN B 93 -20.99 18.88 11.82
C GLN B 93 -21.23 20.24 11.16
N HIS B 94 -20.52 21.25 11.65
CA HIS B 94 -20.57 22.56 11.03
C HIS B 94 -20.27 22.47 9.53
N ALA B 95 -19.22 21.72 9.19
CA ALA B 95 -18.76 21.58 7.81
C ALA B 95 -19.74 20.78 6.98
N LYS B 96 -20.29 19.73 7.58
CA LYS B 96 -21.24 18.84 6.93
C LYS B 96 -22.49 19.61 6.54
N TRP B 97 -23.05 20.36 7.49
CA TRP B 97 -24.33 21.03 7.31
C TRP B 97 -24.22 22.40 6.66
N TYR B 98 -23.23 23.18 7.06
CA TYR B 98 -23.12 24.58 6.62
C TYR B 98 -21.75 24.94 6.06
N PRO B 99 -21.33 24.25 4.98
CA PRO B 99 -19.96 24.35 4.45
C PRO B 99 -19.56 25.71 3.93
N GLY B 100 -20.54 26.59 3.69
CA GLY B 100 -20.28 27.93 3.13
C GLY B 100 -19.94 29.02 4.12
N CYS B 101 -20.09 28.73 5.42
CA CYS B 101 -19.79 29.66 6.49
C CYS B 101 -18.37 30.25 6.41
N LYS B 102 -18.26 31.55 6.62
CA LYS B 102 -16.99 32.26 6.49
C LYS B 102 -16.09 32.00 7.70
N TYR B 103 -16.70 31.93 8.88
CA TYR B 103 -15.98 31.60 10.10
C TYR B 103 -15.31 30.25 9.94
N LEU B 104 -16.10 29.28 9.48
CA LEU B 104 -15.62 27.94 9.21
C LEU B 104 -14.40 27.96 8.30
N LEU B 105 -14.51 28.64 7.17
CA LEU B 105 -13.41 28.71 6.24
C LEU B 105 -12.18 29.29 6.89
N GLU B 106 -12.38 30.39 7.63
CA GLU B 106 -11.28 31.15 8.22
C GLU B 106 -10.57 30.38 9.32
N GLN B 107 -11.28 29.43 9.93
CA GLN B 107 -10.75 28.66 11.04
C GLN B 107 -10.16 27.32 10.60
N LYS B 108 -10.76 26.70 9.57
CA LYS B 108 -10.42 25.35 9.19
C LYS B 108 -9.81 25.23 7.81
N GLY B 109 -10.14 26.17 6.94
CA GLY B 109 -9.58 26.19 5.58
C GLY B 109 -10.32 25.32 4.59
N GLN B 110 -10.01 25.54 3.32
CA GLN B 110 -10.70 24.88 2.21
C GLN B 110 -10.68 23.38 2.28
N GLU B 111 -9.52 22.83 2.63
CA GLU B 111 -9.27 21.40 2.52
C GLU B 111 -10.11 20.61 3.50
N TYR B 112 -10.17 21.11 4.74
CA TYR B 112 -11.00 20.49 5.77
C TYR B 112 -12.44 20.36 5.28
N ILE B 113 -12.98 21.46 4.76
CA ILE B 113 -14.38 21.54 4.36
C ILE B 113 -14.69 20.55 3.27
N ASN B 114 -13.90 20.60 2.20
CA ASN B 114 -14.09 19.66 1.11
C ASN B 114 -13.82 18.20 1.50
N ASN B 115 -12.83 17.98 2.36
CA ASN B 115 -12.59 16.68 2.97
C ASN B 115 -13.88 16.07 3.53
N ILE B 116 -14.59 16.83 4.38
CA ILE B 116 -15.84 16.37 4.99
C ILE B 116 -16.89 15.99 3.93
N HIS B 117 -17.06 16.85 2.92
CA HIS B 117 -18.07 16.59 1.89
C HIS B 117 -17.76 15.44 0.96
N LEU B 118 -16.52 15.42 0.45
CA LEU B 118 -16.04 14.27 -0.31
C LEU B 118 -16.27 12.98 0.48
N THR B 119 -15.93 13.01 1.77
CA THR B 119 -16.13 11.82 2.62
C THR B 119 -17.58 11.38 2.62
N HIS B 120 -18.49 12.30 2.94
CA HIS B 120 -19.93 11.98 2.98
C HIS B 120 -20.44 11.56 1.61
N SER B 121 -19.95 12.19 0.55
CA SER B 121 -20.30 11.79 -0.81
C SER B 121 -19.85 10.35 -1.11
N LEU B 122 -18.64 9.99 -0.68
CA LEU B 122 -18.08 8.67 -0.93
C LEU B 122 -18.89 7.61 -0.20
N GLU B 123 -19.12 7.84 1.09
CA GLU B 123 -19.90 6.94 1.92
C GLU B 123 -21.28 6.66 1.33
N GLU B 124 -22.00 7.74 1.01
CA GLU B 124 -23.34 7.66 0.40
C GLU B 124 -23.30 6.83 -0.88
N CYS B 125 -22.26 7.05 -1.68
CA CYS B 125 -22.08 6.35 -2.93
C CYS B 125 -21.78 4.86 -2.72
N LEU B 126 -20.91 4.56 -1.76
CA LEU B 126 -20.44 3.19 -1.55
C LEU B 126 -21.46 2.24 -0.91
N VAL B 127 -22.43 2.78 -0.20
CA VAL B 127 -23.40 1.93 0.50
C VAL B 127 -24.70 1.70 -0.28
N ARG B 128 -24.59 1.22 -1.52
CA ARG B 128 -25.78 0.90 -2.35
C ARG B 128 -25.68 -0.14 -3.51
N THR B 129 -24.52 -0.44 -4.10
CA THR B 129 -23.19 0.08 -3.80
C THR B 129 -22.89 1.33 -4.64
N SER C 27 -46.59 46.79 -8.66
CA SER C 27 -47.27 46.97 -7.38
C SER C 27 -46.31 47.45 -6.31
N THR C 28 -46.57 48.64 -5.78
CA THR C 28 -45.59 49.36 -4.98
C THR C 28 -46.09 49.56 -3.55
N ASN C 29 -46.61 50.74 -3.27
CA ASN C 29 -47.56 50.92 -2.18
C ASN C 29 -46.99 50.46 -0.83
N LEU C 30 -45.92 51.13 -0.40
CA LEU C 30 -44.81 50.45 0.24
C LEU C 30 -44.89 50.57 1.76
N PRO C 31 -44.72 51.77 2.26
CA PRO C 31 -44.47 52.00 3.69
C PRO C 31 -45.76 52.11 4.49
N ARG C 32 -46.10 51.05 5.24
CA ARG C 32 -47.36 51.01 5.96
C ARG C 32 -47.48 52.10 7.04
N ASN C 33 -46.46 52.19 7.89
CA ASN C 33 -46.43 53.19 8.96
C ASN C 33 -45.19 54.08 8.83
N PRO C 34 -45.26 55.11 7.96
CA PRO C 34 -44.13 56.01 7.71
C PRO C 34 -43.59 56.76 8.94
N SER C 35 -44.32 56.72 10.05
CA SER C 35 -43.88 57.35 11.29
C SER C 35 -42.72 56.58 11.92
N MET C 36 -42.83 55.26 11.91
CA MET C 36 -41.83 54.37 12.50
C MET C 36 -40.77 53.92 11.49
N ALA C 37 -40.59 54.70 10.43
CA ALA C 37 -39.60 54.39 9.40
C ALA C 37 -38.16 54.53 9.89
N ASP C 38 -37.95 55.43 10.86
CA ASP C 38 -36.63 55.71 11.40
C ASP C 38 -36.37 54.88 12.65
N TYR C 39 -35.13 54.43 12.81
CA TYR C 39 -34.73 53.59 13.93
C TYR C 39 -34.97 54.23 15.30
N GLU C 40 -34.70 55.53 15.40
CA GLU C 40 -34.86 56.27 16.66
C GLU C 40 -36.31 56.28 17.14
N ALA C 41 -37.23 56.44 16.19
CA ALA C 41 -38.65 56.40 16.48
C ALA C 41 -39.09 55.03 17.01
N ARG C 42 -38.40 53.98 16.56
CA ARG C 42 -38.78 52.61 16.91
C ARG C 42 -38.36 52.19 18.33
N ILE C 43 -37.09 52.41 18.69
CA ILE C 43 -36.61 52.07 20.06
C ILE C 43 -37.36 52.85 21.13
N PHE C 44 -37.70 54.10 20.81
CA PHE C 44 -38.51 54.96 21.66
C PHE C 44 -39.73 54.21 22.21
N THR C 45 -40.41 53.47 21.34
CA THR C 45 -41.62 52.73 21.69
C THR C 45 -41.36 51.58 22.68
N PHE C 46 -40.08 51.33 22.98
CA PHE C 46 -39.69 50.32 23.97
C PHE C 46 -39.27 51.02 25.26
N GLY C 47 -40.25 51.44 26.05
CA GLY C 47 -40.01 52.16 27.30
C GLY C 47 -39.58 51.23 28.41
N THR C 48 -40.56 50.63 29.09
CA THR C 48 -40.28 49.58 30.07
C THR C 48 -40.45 48.22 29.38
N TRP C 49 -39.48 47.87 28.53
CA TRP C 49 -39.51 46.59 27.84
C TRP C 49 -39.09 45.48 28.79
N ILE C 50 -40.07 44.74 29.31
CA ILE C 50 -39.85 43.77 30.39
C ILE C 50 -39.60 42.33 29.90
N TYR C 51 -39.50 42.16 28.59
CA TYR C 51 -39.43 40.82 28.01
C TYR C 51 -38.03 40.47 27.55
N SER C 52 -37.75 39.16 27.48
CA SER C 52 -36.39 38.66 27.26
C SER C 52 -35.81 38.88 25.86
N VAL C 53 -36.67 39.03 24.85
CA VAL C 53 -36.19 39.28 23.49
C VAL C 53 -35.62 40.70 23.37
N ASN C 54 -34.40 40.79 22.84
CA ASN C 54 -33.67 42.04 22.73
C ASN C 54 -34.47 43.14 22.02
N LYS C 55 -34.51 44.32 22.63
CA LYS C 55 -35.30 45.42 22.10
C LYS C 55 -34.62 46.19 20.97
N GLU C 56 -33.30 46.12 20.92
CA GLU C 56 -32.54 46.78 19.85
C GLU C 56 -32.57 45.94 18.58
N GLN C 57 -32.52 44.62 18.75
CA GLN C 57 -32.62 43.67 17.64
C GLN C 57 -34.03 43.72 17.01
N LEU C 58 -35.04 43.87 17.86
CA LEU C 58 -36.42 44.03 17.39
C LEU C 58 -36.57 45.28 16.55
N ALA C 59 -36.06 46.41 17.05
CA ALA C 59 -36.17 47.68 16.35
C ALA C 59 -35.40 47.72 15.04
N ARG C 60 -34.24 47.05 15.00
CA ARG C 60 -33.44 46.94 13.78
C ARG C 60 -34.15 46.08 12.73
N ALA C 61 -34.83 45.03 13.19
CA ALA C 61 -35.63 44.17 12.31
C ALA C 61 -36.94 44.83 11.88
N GLY C 62 -37.04 46.14 12.11
CA GLY C 62 -38.17 46.96 11.66
C GLY C 62 -39.37 46.99 12.59
N PHE C 63 -39.29 46.25 13.69
CA PHE C 63 -40.39 46.15 14.65
C PHE C 63 -40.48 47.34 15.63
N TYR C 64 -41.69 47.57 16.14
CA TYR C 64 -41.93 48.51 17.25
C TYR C 64 -43.04 47.98 18.15
N ALA C 65 -43.02 48.38 19.42
CA ALA C 65 -43.98 47.89 20.40
C ALA C 65 -45.30 48.67 20.35
N LEU C 66 -46.39 47.98 20.64
CA LEU C 66 -47.72 48.58 20.59
C LEU C 66 -48.17 49.10 21.95
N GLY C 67 -47.76 48.41 23.02
CA GLY C 67 -48.23 48.69 24.35
C GLY C 67 -48.71 47.40 24.99
N GLU C 68 -49.74 46.81 24.41
CA GLU C 68 -50.31 45.56 24.93
C GLU C 68 -49.33 44.39 24.86
N GLY C 69 -48.81 43.97 26.02
CA GLY C 69 -47.88 42.84 26.11
C GLY C 69 -46.64 42.96 25.23
N ASP C 70 -46.16 41.83 24.72
CA ASP C 70 -45.01 41.84 23.82
C ASP C 70 -45.39 41.91 22.33
N LYS C 71 -46.46 42.65 22.04
CA LYS C 71 -46.94 42.84 20.68
C LYS C 71 -46.01 43.78 19.94
N VAL C 72 -45.59 43.37 18.75
CA VAL C 72 -44.77 44.22 17.88
C VAL C 72 -45.30 44.18 16.46
N LYS C 73 -44.98 45.22 15.71
CA LYS C 73 -45.30 45.29 14.29
C LYS C 73 -44.13 45.83 13.49
N CYS C 74 -43.93 45.26 12.31
CA CYS C 74 -42.97 45.83 11.36
C CYS C 74 -43.61 47.07 10.81
N PHE C 75 -42.82 48.13 10.65
CA PHE C 75 -43.32 49.41 10.16
C PHE C 75 -43.64 49.38 8.67
N HIS C 76 -43.11 48.38 7.97
CA HIS C 76 -43.20 48.38 6.51
C HIS C 76 -44.26 47.44 5.99
N CYS C 77 -44.27 46.20 6.49
CA CYS C 77 -45.23 45.21 6.01
C CYS C 77 -46.46 45.12 6.92
N GLY C 78 -46.30 45.57 8.16
CA GLY C 78 -47.40 45.61 9.13
C GLY C 78 -47.61 44.29 9.85
N GLY C 79 -46.77 43.29 9.56
CA GLY C 79 -46.85 42.01 10.24
C GLY C 79 -46.71 42.17 11.74
N GLY C 80 -47.47 41.38 12.51
CA GLY C 80 -47.45 41.48 13.95
C GLY C 80 -47.10 40.17 14.62
N LEU C 81 -46.26 40.24 15.65
CA LEU C 81 -45.87 39.06 16.41
C LEU C 81 -45.98 39.30 17.89
N THR C 82 -46.42 38.25 18.60
CA THR C 82 -46.53 38.24 20.05
C THR C 82 -46.08 36.89 20.53
N ASP C 83 -45.98 36.76 21.86
CA ASP C 83 -45.58 35.51 22.51
C ASP C 83 -44.17 35.09 22.05
N TRP C 84 -43.23 36.04 22.12
CA TRP C 84 -41.83 35.82 21.79
C TRP C 84 -41.11 34.95 22.83
N LYS C 85 -40.84 33.70 22.46
CA LYS C 85 -39.97 32.81 23.26
C LYS C 85 -38.57 33.42 23.43
N PRO C 86 -37.88 33.11 24.54
CA PRO C 86 -36.59 33.77 24.85
C PRO C 86 -35.49 33.55 23.81
N SER C 87 -35.57 32.46 23.06
CA SER C 87 -34.54 32.11 22.09
C SER C 87 -34.77 32.74 20.71
N GLU C 88 -36.03 33.01 20.37
CA GLU C 88 -36.39 33.44 19.01
C GLU C 88 -35.70 34.71 18.51
N ASP C 89 -35.22 34.64 17.28
CA ASP C 89 -34.50 35.72 16.63
C ASP C 89 -35.44 36.63 15.82
N PRO C 90 -35.40 37.95 16.07
CA PRO C 90 -36.27 38.93 15.38
C PRO C 90 -36.25 38.84 13.86
N TRP C 91 -35.08 38.84 13.25
CA TRP C 91 -34.97 38.77 11.80
C TRP C 91 -35.53 37.44 11.23
N GLU C 92 -35.16 36.32 11.85
CA GLU C 92 -35.64 35.00 11.42
C GLU C 92 -37.16 34.91 11.45
N GLN C 93 -37.75 35.39 12.55
CA GLN C 93 -39.21 35.39 12.72
C GLN C 93 -39.87 36.29 11.68
N HIS C 94 -39.31 37.49 11.50
CA HIS C 94 -39.77 38.38 10.45
C HIS C 94 -39.84 37.64 9.12
N ALA C 95 -38.72 37.02 8.73
CA ALA C 95 -38.59 36.34 7.43
C ALA C 95 -39.52 35.14 7.31
N LYS C 96 -39.68 34.40 8.41
CA LYS C 96 -40.48 33.19 8.42
C LYS C 96 -41.97 33.52 8.28
N TRP C 97 -42.41 34.56 8.98
CA TRP C 97 -43.82 34.91 9.05
C TRP C 97 -44.22 35.84 7.92
N TYR C 98 -43.39 36.83 7.63
CA TYR C 98 -43.75 37.85 6.66
C TYR C 98 -42.65 38.03 5.60
N PRO C 99 -42.43 36.96 4.79
CA PRO C 99 -41.33 36.85 3.83
C PRO C 99 -41.34 37.95 2.81
N GLY C 100 -42.55 38.48 2.54
CA GLY C 100 -42.78 39.40 1.44
C GLY C 100 -42.41 40.84 1.70
N CYS C 101 -42.11 41.17 2.95
CA CYS C 101 -41.78 42.54 3.33
C CYS C 101 -40.64 43.09 2.50
N LYS C 102 -40.80 44.33 2.03
CA LYS C 102 -39.79 44.97 1.21
C LYS C 102 -38.61 45.42 2.05
N TYR C 103 -38.90 45.84 3.29
CA TYR C 103 -37.84 46.27 4.21
C TYR C 103 -36.91 45.12 4.56
N LEU C 104 -37.53 43.94 4.78
CA LEU C 104 -36.80 42.72 4.98
C LEU C 104 -35.84 42.43 3.81
N LEU C 105 -36.36 42.53 2.59
CA LEU C 105 -35.58 42.27 1.39
C LEU C 105 -34.35 43.15 1.26
N GLU C 106 -34.49 44.44 1.49
CA GLU C 106 -33.33 45.31 1.25
C GLU C 106 -32.30 45.27 2.39
N GLN C 107 -32.74 44.87 3.58
CA GLN C 107 -31.82 44.66 4.70
C GLN C 107 -31.08 43.32 4.66
N LYS C 108 -31.78 42.23 4.36
CA LYS C 108 -31.21 40.89 4.46
C LYS C 108 -30.90 40.19 3.13
N GLY C 109 -31.60 40.59 2.07
CA GLY C 109 -31.42 39.99 0.75
C GLY C 109 -32.25 38.73 0.51
N GLN C 110 -32.45 38.41 -0.77
CA GLN C 110 -33.21 37.23 -1.19
C GLN C 110 -32.80 35.92 -0.54
N GLU C 111 -31.47 35.71 -0.46
CA GLU C 111 -30.92 34.42 -0.07
C GLU C 111 -31.20 34.14 1.39
N TYR C 112 -31.06 35.18 2.21
CA TYR C 112 -31.41 35.08 3.61
C TYR C 112 -32.83 34.57 3.76
N ILE C 113 -33.77 35.27 3.13
CA ILE C 113 -35.18 34.97 3.32
C ILE C 113 -35.44 33.54 2.92
N ASN C 114 -35.00 33.16 1.73
CA ASN C 114 -35.23 31.81 1.22
C ASN C 114 -34.57 30.72 2.04
N ASN C 115 -33.40 31.02 2.61
CA ASN C 115 -32.71 30.08 3.48
C ASN C 115 -33.52 29.80 4.74
N ILE C 116 -34.13 30.83 5.32
CA ILE C 116 -35.04 30.64 6.46
C ILE C 116 -36.16 29.64 6.12
N HIS C 117 -36.78 29.83 4.96
CA HIS C 117 -37.88 28.96 4.55
C HIS C 117 -37.45 27.55 4.20
N LEU C 118 -36.42 27.45 3.38
CA LEU C 118 -35.79 26.18 3.05
C LEU C 118 -35.40 25.37 4.32
N THR C 119 -34.83 26.05 5.31
CA THR C 119 -34.44 25.43 6.58
C THR C 119 -35.62 24.82 7.33
N HIS C 120 -36.72 25.55 7.42
CA HIS C 120 -37.91 25.02 8.10
C HIS C 120 -38.49 23.84 7.34
N SER C 121 -38.46 23.92 6.00
CA SER C 121 -38.92 22.82 5.15
C SER C 121 -38.07 21.55 5.29
N LEU C 122 -36.76 21.72 5.43
CA LEU C 122 -35.84 20.58 5.58
C LEU C 122 -36.05 19.93 6.92
N GLU C 123 -36.10 20.77 7.96
CA GLU C 123 -36.35 20.28 9.32
C GLU C 123 -37.63 19.47 9.38
N GLU C 124 -38.71 20.04 8.83
CA GLU C 124 -40.02 19.40 8.82
C GLU C 124 -39.98 18.05 8.13
N CYS C 125 -39.23 17.97 7.04
CA CYS C 125 -39.13 16.75 6.27
C CYS C 125 -38.30 15.69 6.99
N LEU C 126 -37.20 16.10 7.62
CA LEU C 126 -36.31 15.15 8.30
C LEU C 126 -36.89 14.55 9.59
N VAL C 127 -37.58 15.35 10.40
CA VAL C 127 -38.22 14.82 11.62
C VAL C 127 -39.66 14.37 11.38
N ARG C 128 -39.83 13.21 10.75
CA ARG C 128 -41.16 12.56 10.63
C ARG C 128 -41.24 11.01 10.53
N THR C 129 -40.25 10.29 9.97
CA THR C 129 -38.97 10.80 9.42
C THR C 129 -39.06 11.10 7.93
N SER D 27 14.66 -2.04 7.09
CA SER D 27 15.80 -1.93 7.99
C SER D 27 15.28 -1.25 9.25
N THR D 28 15.26 -1.98 10.36
CA THR D 28 14.01 -2.33 11.02
C THR D 28 13.17 -3.38 10.28
N ASN D 29 13.81 -4.48 9.94
CA ASN D 29 13.15 -5.55 9.19
C ASN D 29 12.24 -6.39 10.07
N LEU D 30 11.57 -5.75 11.02
CA LEU D 30 10.54 -6.40 11.82
C LEU D 30 9.47 -7.09 10.98
N PRO D 31 8.84 -8.10 11.58
CA PRO D 31 7.58 -8.64 11.04
C PRO D 31 6.54 -7.55 10.85
N ARG D 32 5.53 -7.83 10.01
CA ARG D 32 4.35 -6.98 9.93
C ARG D 32 3.29 -7.39 10.94
N ASN D 33 3.16 -8.69 11.15
CA ASN D 33 2.13 -9.21 12.03
C ASN D 33 2.73 -10.11 13.13
N PRO D 34 3.31 -9.49 14.19
CA PRO D 34 3.93 -10.23 15.27
C PRO D 34 3.02 -11.28 15.91
N SER D 35 1.71 -11.01 15.94
CA SER D 35 0.77 -11.94 16.56
C SER D 35 0.67 -13.24 15.76
N MET D 36 1.26 -13.23 14.57
CA MET D 36 1.31 -14.42 13.74
C MET D 36 2.73 -15.00 13.58
N ALA D 37 3.68 -14.49 14.37
CA ALA D 37 5.08 -14.94 14.28
C ALA D 37 5.26 -16.42 14.63
N ASP D 38 4.41 -16.92 15.53
CA ASP D 38 4.49 -18.29 15.99
C ASP D 38 3.81 -19.24 15.03
N TYR D 39 4.48 -20.36 14.74
CA TYR D 39 3.97 -21.38 13.82
C TYR D 39 2.58 -21.88 14.27
N GLU D 40 2.43 -22.06 15.58
CA GLU D 40 1.20 -22.55 16.19
C GLU D 40 0.03 -21.62 15.90
N ALA D 41 0.24 -20.32 16.09
CA ALA D 41 -0.74 -19.30 15.70
C ALA D 41 -1.18 -19.48 14.24
N ARG D 42 -0.22 -19.84 13.37
CA ARG D 42 -0.52 -19.94 11.94
C ARG D 42 -1.25 -21.22 11.54
N ILE D 43 -0.89 -22.38 12.11
CA ILE D 43 -1.60 -23.61 11.72
C ILE D 43 -3.06 -23.58 12.18
N PHE D 44 -3.29 -22.93 13.31
CA PHE D 44 -4.63 -22.70 13.84
C PHE D 44 -5.57 -22.10 12.80
N THR D 45 -5.07 -21.12 12.02
CA THR D 45 -5.86 -20.42 11.00
C THR D 45 -6.30 -21.33 9.85
N PHE D 46 -5.71 -22.52 9.78
CA PHE D 46 -6.03 -23.46 8.71
C PHE D 46 -7.00 -24.56 9.16
N GLY D 47 -7.71 -24.31 10.25
CA GLY D 47 -8.75 -25.20 10.76
C GLY D 47 -9.72 -25.77 9.73
N THR D 48 -10.26 -24.92 8.86
CA THR D 48 -11.21 -25.37 7.82
C THR D 48 -10.62 -25.32 6.41
N TRP D 49 -9.35 -25.68 6.28
CA TRP D 49 -8.66 -25.63 4.99
C TRP D 49 -9.12 -26.75 4.06
N ILE D 50 -9.84 -26.37 3.01
CA ILE D 50 -10.42 -27.32 2.07
C ILE D 50 -9.64 -27.45 0.76
N TYR D 51 -8.55 -26.68 0.64
CA TYR D 51 -7.82 -26.56 -0.62
C TYR D 51 -6.66 -27.54 -0.76
N SER D 52 -6.21 -27.74 -2.00
CA SER D 52 -5.21 -28.75 -2.33
C SER D 52 -3.81 -28.46 -1.80
N VAL D 53 -3.45 -27.18 -1.71
CA VAL D 53 -2.12 -26.77 -1.22
C VAL D 53 -1.95 -27.08 0.27
N ASN D 54 -0.98 -27.93 0.59
CA ASN D 54 -0.72 -28.40 1.96
C ASN D 54 -0.58 -27.29 2.99
N LYS D 55 -1.23 -27.46 4.14
CA LYS D 55 -1.27 -26.41 5.17
C LYS D 55 -0.02 -26.28 6.03
N GLU D 56 0.59 -27.40 6.39
CA GLU D 56 1.86 -27.39 7.14
C GLU D 56 2.96 -26.70 6.34
N GLN D 57 2.99 -26.97 5.03
CA GLN D 57 3.89 -26.29 4.11
C GLN D 57 3.68 -24.78 4.16
N LEU D 58 2.41 -24.34 4.00
CA LEU D 58 2.08 -22.91 4.04
C LEU D 58 2.52 -22.24 5.34
N ALA D 59 2.21 -22.87 6.47
CA ALA D 59 2.52 -22.30 7.77
C ALA D 59 4.02 -22.16 7.99
N ARG D 60 4.78 -23.15 7.53
CA ARG D 60 6.25 -23.11 7.56
C ARG D 60 6.79 -22.01 6.64
N ALA D 61 6.14 -21.82 5.50
CA ALA D 61 6.51 -20.73 4.60
C ALA D 61 6.09 -19.33 5.11
N GLY D 62 5.48 -19.29 6.30
CA GLY D 62 5.19 -18.03 6.97
C GLY D 62 3.77 -17.50 6.79
N PHE D 63 2.98 -18.21 5.97
CA PHE D 63 1.59 -17.87 5.67
C PHE D 63 0.57 -18.33 6.73
N TYR D 64 -0.47 -17.52 6.91
CA TYR D 64 -1.66 -17.90 7.67
C TYR D 64 -2.89 -17.58 6.82
N ALA D 65 -3.98 -18.32 7.05
CA ALA D 65 -5.21 -18.13 6.27
C ALA D 65 -6.06 -16.93 6.74
N LEU D 66 -6.73 -16.26 5.81
CA LEU D 66 -7.60 -15.13 6.18
C LEU D 66 -9.02 -15.56 6.54
N GLY D 67 -9.52 -16.61 5.90
CA GLY D 67 -10.90 -17.05 6.08
C GLY D 67 -11.76 -16.62 4.89
N GLU D 68 -11.12 -15.96 3.92
CA GLU D 68 -11.77 -15.59 2.68
C GLU D 68 -11.19 -16.45 1.57
N GLY D 69 -11.86 -17.55 1.25
CA GLY D 69 -11.36 -18.48 0.24
C GLY D 69 -9.96 -19.00 0.56
N ASP D 70 -9.08 -18.98 -0.45
CA ASP D 70 -7.69 -19.45 -0.27
C ASP D 70 -6.67 -18.33 -0.03
N LYS D 71 -7.16 -17.15 0.34
CA LYS D 71 -6.29 -16.02 0.70
C LYS D 71 -5.39 -16.39 1.88
N VAL D 72 -4.10 -16.19 1.68
CA VAL D 72 -3.11 -16.38 2.73
C VAL D 72 -2.18 -15.17 2.69
N LYS D 73 -1.53 -14.90 3.82
CA LYS D 73 -0.66 -13.74 3.95
C LYS D 73 0.55 -14.12 4.81
N CYS D 74 1.73 -13.63 4.46
CA CYS D 74 2.94 -13.93 5.22
C CYS D 74 3.04 -13.02 6.43
N PHE D 75 3.25 -13.60 7.60
CA PHE D 75 3.34 -12.83 8.84
C PHE D 75 4.44 -11.78 8.83
N HIS D 76 5.46 -11.98 8.01
CA HIS D 76 6.67 -11.17 8.14
C HIS D 76 6.70 -10.02 7.16
N CYS D 77 6.37 -10.32 5.90
CA CYS D 77 6.46 -9.32 4.84
C CYS D 77 5.10 -8.79 4.38
N GLY D 78 4.03 -9.47 4.80
CA GLY D 78 2.67 -9.04 4.45
C GLY D 78 2.21 -9.47 3.07
N GLY D 79 3.07 -10.18 2.35
CA GLY D 79 2.72 -10.62 1.02
C GLY D 79 1.52 -11.54 1.08
N GLY D 80 0.52 -11.25 0.24
CA GLY D 80 -0.71 -12.03 0.21
C GLY D 80 -0.86 -12.79 -1.09
N LEU D 81 -1.46 -13.97 -1.00
CA LEU D 81 -1.60 -14.87 -2.14
C LEU D 81 -2.96 -15.55 -2.16
N THR D 82 -3.65 -15.45 -3.29
CA THR D 82 -4.89 -16.19 -3.58
C THR D 82 -4.75 -16.99 -4.85
N ASP D 83 -5.80 -17.76 -5.15
CA ASP D 83 -5.98 -18.41 -6.43
C ASP D 83 -4.79 -19.34 -6.69
N TRP D 84 -4.55 -20.21 -5.71
CA TRP D 84 -3.51 -21.22 -5.79
C TRP D 84 -3.88 -22.29 -6.81
N LYS D 85 -3.10 -22.38 -7.89
CA LYS D 85 -3.18 -23.50 -8.81
C LYS D 85 -2.73 -24.77 -8.08
N PRO D 86 -3.34 -25.93 -8.41
CA PRO D 86 -3.28 -27.12 -7.54
C PRO D 86 -1.87 -27.67 -7.32
N SER D 87 -0.94 -27.25 -8.16
CA SER D 87 0.43 -27.76 -8.18
C SER D 87 1.44 -26.87 -7.44
N GLU D 88 1.07 -25.60 -7.22
CA GLU D 88 2.01 -24.57 -6.77
C GLU D 88 2.59 -24.77 -5.37
N ASP D 89 3.82 -24.33 -5.20
CA ASP D 89 4.58 -24.54 -3.97
C ASP D 89 4.75 -23.23 -3.16
N PRO D 90 4.38 -23.26 -1.87
CA PRO D 90 4.40 -22.11 -0.96
C PRO D 90 5.69 -21.29 -1.04
N TRP D 91 6.83 -21.94 -0.80
CA TRP D 91 8.12 -21.26 -0.81
C TRP D 91 8.46 -20.66 -2.17
N GLU D 92 8.12 -21.36 -3.24
CA GLU D 92 8.41 -20.88 -4.58
C GLU D 92 7.62 -19.62 -4.87
N GLN D 93 6.32 -19.67 -4.53
CA GLN D 93 5.43 -18.53 -4.71
C GLN D 93 5.86 -17.35 -3.85
N HIS D 94 6.23 -17.63 -2.61
CA HIS D 94 6.73 -16.63 -1.70
C HIS D 94 7.95 -15.93 -2.29
N ALA D 95 8.87 -16.71 -2.88
CA ALA D 95 10.11 -16.18 -3.46
C ALA D 95 9.86 -15.36 -4.73
N LYS D 96 8.98 -15.84 -5.58
CA LYS D 96 8.64 -15.16 -6.83
C LYS D 96 8.01 -13.80 -6.58
N TRP D 97 6.97 -13.77 -5.76
CA TRP D 97 6.20 -12.55 -5.52
C TRP D 97 6.85 -11.62 -4.51
N TYR D 98 7.43 -12.19 -3.46
CA TYR D 98 7.92 -11.36 -2.34
C TYR D 98 9.35 -11.71 -1.89
N PRO D 99 10.32 -11.58 -2.84
CA PRO D 99 11.70 -12.01 -2.63
C PRO D 99 12.47 -11.25 -1.55
N GLY D 100 11.96 -10.09 -1.15
CA GLY D 100 12.62 -9.27 -0.12
C GLY D 100 12.35 -9.70 1.30
N CYS D 101 11.39 -10.58 1.50
CA CYS D 101 11.01 -11.03 2.83
C CYS D 101 12.18 -11.56 3.63
N LYS D 102 12.29 -11.10 4.87
CA LYS D 102 13.42 -11.45 5.74
C LYS D 102 13.28 -12.88 6.25
N TYR D 103 12.04 -13.33 6.41
CA TYR D 103 11.76 -14.67 6.89
C TYR D 103 12.17 -15.67 5.82
N LEU D 104 11.79 -15.37 4.59
CA LEU D 104 12.23 -16.08 3.41
C LEU D 104 13.76 -16.27 3.40
N LEU D 105 14.48 -15.17 3.53
CA LEU D 105 15.93 -15.23 3.49
C LEU D 105 16.52 -16.19 4.51
N GLU D 106 16.17 -16.04 5.77
CA GLU D 106 16.80 -16.85 6.81
C GLU D 106 16.32 -18.30 6.79
N GLN D 107 15.25 -18.55 6.04
CA GLN D 107 14.71 -19.90 5.93
C GLN D 107 15.21 -20.63 4.69
N LYS D 108 15.52 -19.90 3.63
CA LYS D 108 15.78 -20.51 2.33
C LYS D 108 17.14 -20.14 1.74
N GLY D 109 17.67 -18.98 2.16
CA GLY D 109 18.98 -18.54 1.70
C GLY D 109 18.93 -17.79 0.39
N GLN D 110 19.95 -16.97 0.15
CA GLN D 110 20.05 -16.14 -1.04
C GLN D 110 19.94 -16.91 -2.36
N GLU D 111 20.54 -18.09 -2.39
CA GLU D 111 20.71 -18.85 -3.61
C GLU D 111 19.36 -19.27 -4.12
N TYR D 112 18.59 -19.89 -3.23
CA TYR D 112 17.24 -20.32 -3.54
C TYR D 112 16.41 -19.19 -4.14
N ILE D 113 16.41 -18.04 -3.47
CA ILE D 113 15.60 -16.90 -3.90
C ILE D 113 15.98 -16.47 -5.30
N ASN D 114 17.26 -16.22 -5.54
CA ASN D 114 17.71 -15.78 -6.87
C ASN D 114 17.57 -16.85 -7.95
N ASN D 115 17.66 -18.12 -7.55
CA ASN D 115 17.33 -19.24 -8.42
C ASN D 115 15.92 -19.09 -8.99
N ILE D 116 14.92 -18.92 -8.12
CA ILE D 116 13.54 -18.74 -8.55
C ILE D 116 13.43 -17.58 -9.53
N HIS D 117 14.01 -16.43 -9.18
CA HIS D 117 13.98 -15.27 -10.07
C HIS D 117 14.67 -15.44 -11.42
N LEU D 118 15.90 -15.97 -11.41
CA LEU D 118 16.61 -16.31 -12.65
C LEU D 118 15.83 -17.28 -13.52
N THR D 119 15.14 -18.21 -12.90
CA THR D 119 14.36 -19.20 -13.63
C THR D 119 13.23 -18.54 -14.40
N HIS D 120 12.56 -17.58 -13.77
CA HIS D 120 11.45 -16.89 -14.40
C HIS D 120 11.92 -15.93 -15.50
N SER D 121 13.03 -15.22 -15.27
CA SER D 121 13.58 -14.32 -16.27
C SER D 121 14.02 -15.05 -17.52
N LEU D 122 14.60 -16.23 -17.33
CA LEU D 122 15.07 -17.07 -18.44
C LEU D 122 13.89 -17.59 -19.23
N GLU D 123 12.89 -18.11 -18.51
CA GLU D 123 11.70 -18.66 -19.13
C GLU D 123 11.05 -17.63 -20.05
N GLU D 124 10.80 -16.43 -19.50
CA GLU D 124 10.16 -15.36 -20.26
C GLU D 124 11.04 -14.85 -21.41
N CYS D 125 12.36 -14.90 -21.25
CA CYS D 125 13.25 -14.54 -22.35
C CYS D 125 13.17 -15.54 -23.50
N LEU D 126 13.13 -16.83 -23.16
CA LEU D 126 13.09 -17.89 -24.18
C LEU D 126 11.72 -18.00 -24.87
N VAL D 127 10.77 -17.15 -24.46
CA VAL D 127 9.48 -17.02 -25.14
C VAL D 127 9.10 -15.53 -25.32
N ARG D 128 9.57 -14.88 -26.39
CA ARG D 128 10.43 -15.45 -27.43
C ARG D 128 11.64 -14.55 -27.67
N THR E 28 23.73 -20.10 7.49
CA THR E 28 24.61 -18.90 7.44
C THR E 28 24.86 -18.42 6.01
N ASN E 29 24.11 -17.37 5.62
CA ASN E 29 24.31 -16.67 4.35
C ASN E 29 25.52 -15.75 4.43
N LEU E 30 26.72 -16.32 4.36
CA LEU E 30 27.95 -15.54 4.52
C LEU E 30 28.36 -14.87 3.21
N PRO E 31 29.14 -13.77 3.29
CA PRO E 31 29.57 -13.09 2.07
C PRO E 31 30.34 -14.01 1.13
N ARG E 32 30.04 -13.91 -0.15
CA ARG E 32 30.71 -14.70 -1.17
C ARG E 32 32.15 -14.22 -1.36
N ASN E 33 32.41 -12.95 -1.06
CA ASN E 33 33.76 -12.39 -1.14
C ASN E 33 34.13 -11.52 0.06
N PRO E 34 34.55 -12.16 1.18
CA PRO E 34 34.88 -11.46 2.42
C PRO E 34 35.98 -10.41 2.31
N SER E 35 36.89 -10.55 1.34
CA SER E 35 37.96 -9.55 1.16
C SER E 35 37.38 -8.18 0.79
N MET E 36 36.21 -8.21 0.16
CA MET E 36 35.56 -7.00 -0.31
C MET E 36 34.44 -6.53 0.64
N ALA E 37 34.44 -7.02 1.87
CA ALA E 37 33.38 -6.67 2.83
C ALA E 37 33.41 -5.20 3.25
N ASP E 38 34.61 -4.66 3.45
CA ASP E 38 34.75 -3.26 3.85
C ASP E 38 34.55 -2.35 2.65
N TYR E 39 33.82 -1.26 2.85
CA TYR E 39 33.63 -0.25 1.82
C TYR E 39 34.95 0.28 1.28
N GLU E 40 35.94 0.47 2.16
CA GLU E 40 37.26 0.98 1.77
C GLU E 40 37.93 0.10 0.72
N ALA E 41 37.78 -1.22 0.88
CA ALA E 41 38.28 -2.20 -0.08
C ALA E 41 37.59 -2.07 -1.44
N ARG E 42 36.35 -1.62 -1.44
CA ARG E 42 35.54 -1.58 -2.65
C ARG E 42 35.75 -0.35 -3.52
N ILE E 43 35.76 0.86 -2.95
CA ILE E 43 36.01 2.08 -3.76
C ILE E 43 37.39 2.07 -4.37
N PHE E 44 38.30 1.32 -3.74
CA PHE E 44 39.63 1.14 -4.28
C PHE E 44 39.56 0.54 -5.67
N THR E 45 38.70 -0.46 -5.84
CA THR E 45 38.54 -1.14 -7.13
C THR E 45 38.06 -0.20 -8.25
N PHE E 46 37.59 0.98 -7.89
CA PHE E 46 37.08 1.92 -8.89
C PHE E 46 38.10 2.99 -9.25
N GLY E 47 39.37 2.74 -8.91
CA GLY E 47 40.49 3.65 -9.20
C GLY E 47 40.32 4.50 -10.46
N THR E 48 40.30 3.86 -11.62
CA THR E 48 40.04 4.56 -12.89
C THR E 48 38.64 4.21 -13.38
N TRP E 49 37.65 5.00 -12.98
CA TRP E 49 36.26 4.73 -13.36
C TRP E 49 35.76 5.78 -14.34
N ILE E 50 35.58 5.37 -15.59
CA ILE E 50 35.25 6.29 -16.68
C ILE E 50 33.75 6.32 -17.03
N TYR E 51 32.94 5.59 -16.28
CA TYR E 51 31.52 5.42 -16.61
C TYR E 51 30.61 6.37 -15.84
N SER E 52 29.39 6.51 -16.34
CA SER E 52 28.41 7.46 -15.82
C SER E 52 27.98 7.18 -14.40
N VAL E 53 27.74 5.91 -14.08
CA VAL E 53 27.22 5.53 -12.76
C VAL E 53 28.24 5.80 -11.66
N ASN E 54 27.80 6.56 -10.66
CA ASN E 54 28.64 7.00 -9.56
C ASN E 54 29.34 5.82 -8.89
N LYS E 55 30.65 5.96 -8.68
CA LYS E 55 31.43 4.87 -8.07
C LYS E 55 31.14 4.68 -6.60
N GLU E 56 30.94 5.79 -5.88
CA GLU E 56 30.63 5.75 -4.45
C GLU E 56 29.26 5.10 -4.18
N GLN E 57 28.27 5.42 -5.01
CA GLN E 57 26.96 4.78 -4.92
C GLN E 57 27.09 3.27 -5.16
N LEU E 58 27.85 2.88 -6.19
CA LEU E 58 28.07 1.47 -6.49
C LEU E 58 28.71 0.79 -5.31
N ALA E 59 29.80 1.38 -4.83
CA ALA E 59 30.53 0.83 -3.70
C ALA E 59 29.62 0.70 -2.49
N ARG E 60 28.91 1.79 -2.18
CA ARG E 60 27.98 1.85 -1.06
C ARG E 60 26.90 0.78 -1.16
N ALA E 61 26.48 0.50 -2.40
CA ALA E 61 25.50 -0.55 -2.68
C ALA E 61 26.07 -1.98 -2.66
N GLY E 62 27.35 -2.12 -2.32
CA GLY E 62 27.97 -3.44 -2.15
C GLY E 62 28.82 -3.91 -3.33
N PHE E 63 28.91 -3.07 -4.34
CA PHE E 63 29.61 -3.44 -5.56
C PHE E 63 31.09 -3.11 -5.56
N TYR E 64 31.87 -3.95 -6.23
CA TYR E 64 33.25 -3.61 -6.56
C TYR E 64 33.51 -3.87 -8.04
N ALA E 65 34.40 -3.08 -8.62
CA ALA E 65 34.70 -3.18 -10.05
C ALA E 65 35.61 -4.38 -10.38
N LEU E 66 35.40 -5.00 -11.52
CA LEU E 66 36.18 -6.16 -11.93
C LEU E 66 37.43 -5.83 -12.76
N GLY E 67 37.54 -4.58 -13.20
CA GLY E 67 38.62 -4.16 -14.07
C GLY E 67 38.34 -4.47 -15.53
N GLU E 68 37.17 -5.02 -15.80
CA GLU E 68 36.76 -5.32 -17.16
C GLU E 68 35.49 -4.58 -17.52
N GLY E 69 35.62 -3.50 -18.29
CA GLY E 69 34.48 -2.68 -18.66
C GLY E 69 33.80 -2.12 -17.41
N ASP E 70 32.47 -2.02 -17.44
CA ASP E 70 31.73 -1.57 -16.25
C ASP E 70 31.23 -2.71 -15.37
N LYS E 71 31.83 -3.90 -15.52
CA LYS E 71 31.47 -5.06 -14.75
C LYS E 71 31.65 -4.85 -13.25
N VAL E 72 30.55 -5.01 -12.51
CA VAL E 72 30.65 -4.95 -11.05
C VAL E 72 30.02 -6.20 -10.46
N LYS E 73 30.36 -6.48 -9.20
CA LYS E 73 29.80 -7.60 -8.46
C LYS E 73 29.52 -7.17 -7.03
N CYS E 74 28.44 -7.67 -6.45
CA CYS E 74 28.18 -7.52 -5.03
C CYS E 74 29.14 -8.42 -4.25
N PHE E 75 29.78 -7.88 -3.23
CA PHE E 75 30.65 -8.68 -2.36
C PHE E 75 29.90 -9.74 -1.58
N HIS E 76 28.59 -9.57 -1.44
CA HIS E 76 27.85 -10.48 -0.58
C HIS E 76 27.14 -11.60 -1.33
N CYS E 77 26.34 -11.23 -2.32
CA CYS E 77 25.54 -12.24 -3.00
C CYS E 77 26.26 -12.78 -4.23
N GLY E 78 27.25 -12.04 -4.73
CA GLY E 78 27.99 -12.45 -5.91
C GLY E 78 27.28 -12.08 -7.20
N GLY E 79 26.13 -11.44 -7.09
CA GLY E 79 25.40 -10.99 -8.27
C GLY E 79 26.19 -9.96 -9.04
N GLY E 80 26.33 -10.17 -10.34
CA GLY E 80 27.12 -9.27 -11.21
C GLY E 80 26.27 -8.51 -12.20
N LEU E 81 26.75 -7.33 -12.62
CA LEU E 81 26.00 -6.43 -13.49
C LEU E 81 26.91 -5.61 -14.42
N THR E 82 26.53 -5.50 -15.69
CA THR E 82 27.21 -4.63 -16.66
C THR E 82 26.22 -3.84 -17.46
N ASP E 83 26.76 -2.96 -18.31
CA ASP E 83 25.99 -2.22 -19.30
C ASP E 83 25.02 -1.30 -18.58
N TRP E 84 25.57 -0.55 -17.63
CA TRP E 84 24.81 0.43 -16.86
C TRP E 84 24.43 1.61 -17.73
N LYS E 85 23.15 1.98 -17.68
CA LYS E 85 22.69 3.19 -18.35
C LYS E 85 22.86 4.37 -17.40
N PRO E 86 23.18 5.57 -17.95
CA PRO E 86 23.46 6.78 -17.15
C PRO E 86 22.51 7.06 -15.97
N SER E 87 21.22 6.79 -16.15
CA SER E 87 20.22 7.11 -15.14
C SER E 87 20.05 6.04 -14.03
N GLU E 88 20.64 4.86 -14.23
CA GLU E 88 20.34 3.73 -13.36
C GLU E 88 20.91 3.84 -11.95
N ASP E 89 20.16 3.29 -11.00
CA ASP E 89 20.47 3.39 -9.59
C ASP E 89 20.96 2.04 -9.04
N PRO E 90 22.19 2.03 -8.49
CA PRO E 90 22.84 0.81 -7.98
C PRO E 90 21.98 0.01 -7.00
N TRP E 91 21.38 0.69 -6.03
CA TRP E 91 20.52 0.02 -5.06
C TRP E 91 19.31 -0.62 -5.72
N GLU E 92 18.68 0.12 -6.63
CA GLU E 92 17.49 -0.35 -7.32
C GLU E 92 17.82 -1.58 -8.15
N GLN E 93 18.89 -1.47 -8.93
CA GLN E 93 19.33 -2.56 -9.80
C GLN E 93 19.71 -3.80 -9.01
N HIS E 94 20.39 -3.60 -7.90
CA HIS E 94 20.71 -4.68 -6.98
C HIS E 94 19.43 -5.42 -6.57
N ALA E 95 18.38 -4.64 -6.30
CA ALA E 95 17.12 -5.20 -5.78
C ALA E 95 16.31 -5.88 -6.86
N LYS E 96 16.37 -5.31 -8.06
CA LYS E 96 15.68 -5.84 -9.23
C LYS E 96 16.25 -7.21 -9.63
N TRP E 97 17.57 -7.28 -9.75
CA TRP E 97 18.27 -8.48 -10.24
C TRP E 97 18.60 -9.52 -9.16
N TYR E 98 18.99 -9.06 -7.97
CA TYR E 98 19.45 -9.98 -6.94
C TYR E 98 18.75 -9.74 -5.61
N PRO E 99 17.41 -9.82 -5.60
CA PRO E 99 16.63 -9.50 -4.40
C PRO E 99 17.10 -10.24 -3.16
N GLY E 100 17.59 -11.47 -3.33
CA GLY E 100 17.86 -12.34 -2.18
C GLY E 100 19.06 -12.02 -1.31
N CYS E 101 19.70 -10.88 -1.51
CA CYS E 101 20.97 -10.58 -0.87
C CYS E 101 20.84 -10.04 0.56
N LYS E 102 21.58 -10.66 1.48
CA LYS E 102 21.55 -10.28 2.90
C LYS E 102 22.14 -8.90 3.20
N TYR E 103 23.10 -8.47 2.39
CA TYR E 103 23.62 -7.12 2.60
C TYR E 103 22.55 -6.09 2.20
N LEU E 104 21.90 -6.32 1.06
CA LEU E 104 20.81 -5.48 0.58
C LEU E 104 19.67 -5.40 1.59
N LEU E 105 19.20 -6.55 2.08
CA LEU E 105 18.18 -6.61 3.13
C LEU E 105 18.53 -5.76 4.36
N GLU E 106 19.75 -5.92 4.88
CA GLU E 106 20.15 -5.23 6.10
C GLU E 106 20.28 -3.74 5.88
N GLN E 107 20.67 -3.34 4.67
CA GLN E 107 20.83 -1.93 4.32
C GLN E 107 19.56 -1.20 3.88
N LYS E 108 18.68 -1.88 3.13
CA LYS E 108 17.50 -1.23 2.53
C LYS E 108 16.17 -1.72 3.10
N GLY E 109 16.17 -2.93 3.66
CA GLY E 109 14.96 -3.48 4.25
C GLY E 109 14.06 -4.19 3.27
N GLN E 110 13.20 -5.06 3.82
CA GLN E 110 12.30 -5.89 3.03
C GLN E 110 11.23 -5.12 2.26
N GLU E 111 10.90 -3.91 2.72
CA GLU E 111 9.86 -3.12 2.08
C GLU E 111 10.42 -2.49 0.82
N TYR E 112 11.63 -1.94 0.91
CA TYR E 112 12.31 -1.41 -0.27
C TYR E 112 12.45 -2.46 -1.36
N ILE E 113 12.88 -3.67 -1.02
CA ILE E 113 13.11 -4.69 -2.06
C ILE E 113 11.79 -5.11 -2.71
N ASN E 114 10.80 -5.49 -1.90
CA ASN E 114 9.50 -5.86 -2.43
C ASN E 114 8.86 -4.74 -3.25
N ASN E 115 9.10 -3.49 -2.83
CA ASN E 115 8.67 -2.30 -3.58
C ASN E 115 9.21 -2.29 -5.01
N ILE E 116 10.52 -2.46 -5.17
CA ILE E 116 11.14 -2.49 -6.50
C ILE E 116 10.46 -3.54 -7.39
N HIS E 117 10.31 -4.76 -6.88
CA HIS E 117 9.66 -5.81 -7.65
C HIS E 117 8.21 -5.48 -7.98
N LEU E 118 7.46 -5.02 -6.98
CA LEU E 118 6.09 -4.60 -7.18
C LEU E 118 5.99 -3.52 -8.28
N THR E 119 6.84 -2.50 -8.21
CA THR E 119 6.82 -1.42 -9.19
C THR E 119 7.12 -1.90 -10.62
N HIS E 120 8.03 -2.84 -10.77
CA HIS E 120 8.28 -3.42 -12.08
C HIS E 120 7.11 -4.27 -12.59
N SER E 121 6.44 -4.99 -11.70
CA SER E 121 5.26 -5.77 -12.12
C SER E 121 4.12 -4.87 -12.57
N LEU E 122 3.90 -3.78 -11.83
CA LEU E 122 2.84 -2.84 -12.15
C LEU E 122 3.10 -2.22 -13.51
N GLU E 123 4.28 -1.64 -13.67
CA GLU E 123 4.71 -1.03 -14.91
C GLU E 123 4.57 -1.99 -16.11
N GLU E 124 4.94 -3.25 -15.92
CA GLU E 124 4.77 -4.28 -16.95
C GLU E 124 3.30 -4.50 -17.28
N CYS E 125 2.47 -4.56 -16.24
CA CYS E 125 1.04 -4.82 -16.40
C CYS E 125 0.32 -3.66 -17.09
N LEU E 126 0.64 -2.43 -16.69
CA LEU E 126 -0.03 -1.25 -17.24
C LEU E 126 0.35 -0.94 -18.69
N VAL E 127 1.60 -1.20 -19.04
CA VAL E 127 2.13 -0.90 -20.38
C VAL E 127 1.56 -1.80 -21.49
N ARG E 128 1.41 -3.10 -21.21
CA ARG E 128 0.82 -4.01 -22.21
C ARG E 128 -0.71 -3.95 -22.27
N THR E 129 -1.34 -3.43 -21.21
CA THR E 129 -2.80 -3.28 -21.17
C THR E 129 -3.20 -1.82 -20.91
N SER F 27 24.99 -26.66 0.50
CA SER F 27 25.97 -27.73 0.88
C SER F 27 25.33 -28.84 1.72
N THR F 28 24.02 -28.79 1.87
CA THR F 28 23.26 -29.86 2.55
C THR F 28 22.80 -30.91 1.53
N ASN F 29 22.25 -30.43 0.40
CA ASN F 29 21.96 -31.26 -0.79
C ASN F 29 20.97 -32.42 -0.60
N LEU F 30 19.95 -32.21 0.21
CA LEU F 30 18.95 -33.27 0.44
C LEU F 30 17.76 -33.08 -0.51
N PRO F 31 16.98 -34.15 -0.74
CA PRO F 31 15.85 -34.11 -1.67
C PRO F 31 14.86 -32.98 -1.39
N ARG F 32 14.61 -32.15 -2.39
CA ARG F 32 13.68 -31.04 -2.26
C ARG F 32 12.24 -31.49 -2.06
N ASN F 33 11.88 -32.63 -2.65
CA ASN F 33 10.60 -33.27 -2.41
C ASN F 33 10.77 -34.72 -1.97
N PRO F 34 11.09 -34.94 -0.68
CA PRO F 34 11.37 -36.29 -0.16
C PRO F 34 10.21 -37.25 -0.39
N SER F 35 9.02 -36.70 -0.58
CA SER F 35 7.83 -37.49 -0.86
C SER F 35 7.94 -38.25 -2.18
N MET F 36 8.72 -37.69 -3.11
CA MET F 36 8.84 -38.28 -4.45
C MET F 36 10.13 -39.07 -4.67
N ALA F 37 10.81 -39.43 -3.59
CA ALA F 37 12.08 -40.15 -3.67
C ALA F 37 11.98 -41.57 -4.25
N ASP F 38 10.90 -42.29 -3.96
CA ASP F 38 10.69 -43.63 -4.51
C ASP F 38 10.24 -43.54 -5.96
N TYR F 39 10.85 -44.35 -6.82
CA TYR F 39 10.46 -44.43 -8.24
C TYR F 39 8.96 -44.71 -8.38
N GLU F 40 8.44 -45.55 -7.49
CA GLU F 40 7.03 -45.97 -7.50
C GLU F 40 6.08 -44.80 -7.28
N ALA F 41 6.47 -43.88 -6.40
CA ALA F 41 5.72 -42.66 -6.15
C ALA F 41 5.65 -41.78 -7.40
N ARG F 42 6.68 -41.86 -8.25
CA ARG F 42 6.80 -40.96 -9.40
C ARG F 42 6.02 -41.42 -10.63
N ILE F 43 6.09 -42.71 -10.98
CA ILE F 43 5.28 -43.26 -12.09
C ILE F 43 3.79 -43.06 -11.85
N PHE F 44 3.38 -43.28 -10.61
CA PHE F 44 2.00 -43.06 -10.14
C PHE F 44 1.43 -41.72 -10.63
N THR F 45 2.29 -40.71 -10.74
CA THR F 45 1.88 -39.38 -11.18
C THR F 45 1.65 -39.32 -12.70
N PHE F 46 2.09 -40.34 -13.41
CA PHE F 46 2.03 -40.35 -14.89
C PHE F 46 0.82 -41.11 -15.47
N GLY F 47 -0.06 -41.59 -14.59
CA GLY F 47 -1.25 -42.37 -14.99
C GLY F 47 -1.87 -42.02 -16.34
N THR F 48 -2.18 -40.75 -16.56
CA THR F 48 -2.84 -40.30 -17.79
C THR F 48 -1.86 -39.64 -18.76
N TRP F 49 -0.63 -40.18 -18.84
CA TRP F 49 0.41 -39.57 -19.66
C TRP F 49 0.16 -39.77 -21.16
N ILE F 50 0.00 -38.66 -21.87
CA ILE F 50 -0.39 -38.68 -23.28
C ILE F 50 0.65 -38.05 -24.22
N TYR F 51 1.89 -37.97 -23.77
CA TYR F 51 2.91 -37.24 -24.53
C TYR F 51 4.00 -38.11 -25.16
N SER F 52 4.78 -37.46 -26.02
CA SER F 52 5.83 -38.10 -26.80
C SER F 52 6.87 -38.86 -25.97
N VAL F 53 7.32 -38.26 -24.86
CA VAL F 53 8.42 -38.81 -24.07
C VAL F 53 7.99 -39.93 -23.10
N ASN F 54 8.77 -41.00 -23.06
CA ASN F 54 8.48 -42.18 -22.26
C ASN F 54 8.37 -41.87 -20.76
N LYS F 55 7.24 -42.28 -20.18
CA LYS F 55 6.95 -42.01 -18.77
C LYS F 55 7.87 -42.73 -17.79
N GLU F 56 8.33 -43.92 -18.15
CA GLU F 56 9.26 -44.67 -17.30
C GLU F 56 10.63 -44.02 -17.32
N GLN F 57 11.04 -43.55 -18.51
CA GLN F 57 12.31 -42.86 -18.68
C GLN F 57 12.35 -41.55 -17.90
N LEU F 58 11.23 -40.83 -17.91
CA LEU F 58 11.07 -39.61 -17.11
C LEU F 58 11.16 -39.90 -15.62
N ALA F 59 10.37 -40.85 -15.14
CA ALA F 59 10.38 -41.21 -13.73
C ALA F 59 11.77 -41.67 -13.30
N ARG F 60 12.40 -42.48 -14.16
CA ARG F 60 13.72 -43.03 -13.88
C ARG F 60 14.75 -41.90 -13.68
N ALA F 61 14.65 -40.87 -14.50
CA ALA F 61 15.55 -39.71 -14.40
C ALA F 61 15.30 -38.81 -13.18
N GLY F 62 14.26 -39.12 -12.40
CA GLY F 62 13.96 -38.35 -11.19
C GLY F 62 12.72 -37.47 -11.27
N PHE F 63 12.04 -37.49 -12.42
CA PHE F 63 10.93 -36.60 -12.69
C PHE F 63 9.55 -37.13 -12.26
N TYR F 64 8.63 -36.22 -12.02
CA TYR F 64 7.21 -36.54 -11.80
C TYR F 64 6.32 -35.48 -12.44
N ALA F 65 5.14 -35.89 -12.87
CA ALA F 65 4.21 -34.97 -13.53
C ALA F 65 3.50 -34.08 -12.51
N LEU F 66 3.15 -32.88 -12.94
CA LEU F 66 2.50 -31.91 -12.07
C LEU F 66 1.00 -31.86 -12.30
N GLY F 67 0.58 -32.28 -13.49
CA GLY F 67 -0.81 -32.17 -13.91
C GLY F 67 -0.89 -31.26 -15.11
N GLU F 68 -0.45 -30.01 -14.91
CA GLU F 68 -0.51 -29.00 -15.97
C GLU F 68 0.41 -29.39 -17.13
N GLY F 69 -0.18 -29.56 -18.32
CA GLY F 69 0.55 -29.92 -19.55
C GLY F 69 1.56 -31.04 -19.37
N ASP F 70 2.68 -30.93 -20.07
CA ASP F 70 3.81 -31.86 -19.88
C ASP F 70 4.87 -31.29 -18.93
N LYS F 71 4.43 -30.72 -17.82
CA LYS F 71 5.30 -30.23 -16.78
C LYS F 71 5.80 -31.36 -15.90
N VAL F 72 7.10 -31.42 -15.69
CA VAL F 72 7.70 -32.35 -14.75
C VAL F 72 8.74 -31.64 -13.90
N LYS F 73 8.96 -32.15 -12.70
CA LYS F 73 9.98 -31.62 -11.83
C LYS F 73 10.81 -32.73 -11.24
N CYS F 74 12.10 -32.47 -11.05
CA CYS F 74 12.98 -33.44 -10.43
C CYS F 74 12.70 -33.43 -8.94
N PHE F 75 12.56 -34.61 -8.35
CA PHE F 75 12.26 -34.74 -6.93
C PHE F 75 13.38 -34.21 -6.05
N HIS F 76 14.59 -34.24 -6.58
CA HIS F 76 15.76 -33.88 -5.78
C HIS F 76 16.18 -32.43 -5.92
N CYS F 77 16.38 -31.97 -7.16
CA CYS F 77 16.90 -30.63 -7.40
C CYS F 77 15.81 -29.58 -7.54
N GLY F 78 14.60 -30.03 -7.88
CA GLY F 78 13.47 -29.12 -8.06
C GLY F 78 13.46 -28.50 -9.44
N GLY F 79 14.38 -28.93 -10.29
CA GLY F 79 14.43 -28.44 -11.67
C GLY F 79 13.21 -28.90 -12.46
N GLY F 80 12.61 -27.97 -13.21
CA GLY F 80 11.39 -28.25 -13.96
C GLY F 80 11.54 -28.07 -15.45
N LEU F 81 10.80 -28.88 -16.22
CA LEU F 81 10.91 -28.94 -17.68
C LEU F 81 9.57 -29.15 -18.38
N THR F 82 9.35 -28.41 -19.47
CA THR F 82 8.17 -28.59 -20.32
C THR F 82 8.52 -28.53 -21.79
N ASP F 83 7.52 -28.84 -22.63
CA ASP F 83 7.60 -28.71 -24.08
C ASP F 83 8.64 -29.68 -24.66
N TRP F 84 8.52 -30.94 -24.22
CA TRP F 84 9.40 -32.01 -24.67
C TRP F 84 9.18 -32.34 -26.13
N LYS F 85 10.23 -32.21 -26.94
CA LYS F 85 10.23 -32.76 -28.29
C LYS F 85 10.26 -34.30 -28.20
N PRO F 86 9.83 -35.00 -29.27
CA PRO F 86 9.73 -36.46 -29.18
C PRO F 86 11.08 -37.18 -29.05
N SER F 87 12.13 -36.60 -29.60
CA SER F 87 13.44 -37.26 -29.62
C SER F 87 14.31 -37.03 -28.36
N GLU F 88 13.88 -36.10 -27.50
CA GLU F 88 14.69 -35.66 -26.36
C GLU F 88 14.75 -36.66 -25.22
N ASP F 89 15.95 -36.80 -24.64
CA ASP F 89 16.21 -37.76 -23.59
C ASP F 89 16.15 -37.16 -22.18
N PRO F 90 15.33 -37.74 -21.30
CA PRO F 90 15.17 -37.28 -19.91
C PRO F 90 16.49 -37.05 -19.19
N TRP F 91 17.37 -38.05 -19.18
CA TRP F 91 18.67 -37.95 -18.52
C TRP F 91 19.55 -36.84 -19.09
N GLU F 92 19.55 -36.71 -20.40
CA GLU F 92 20.38 -35.70 -21.08
C GLU F 92 19.90 -34.30 -20.74
N GLN F 93 18.59 -34.08 -20.84
CA GLN F 93 17.97 -32.79 -20.57
C GLN F 93 18.14 -32.39 -19.12
N HIS F 94 17.98 -33.38 -18.24
CA HIS F 94 18.24 -33.17 -16.83
C HIS F 94 19.67 -32.64 -16.63
N ALA F 95 20.64 -33.26 -17.29
CA ALA F 95 22.04 -32.87 -17.14
C ALA F 95 22.37 -31.53 -17.81
N LYS F 96 21.77 -31.29 -18.96
CA LYS F 96 21.92 -30.02 -19.69
C LYS F 96 21.43 -28.83 -18.87
N TRP F 97 20.23 -28.96 -18.31
CA TRP F 97 19.55 -27.85 -17.64
C TRP F 97 19.91 -27.73 -16.17
N TYR F 98 19.98 -28.86 -15.48
CA TYR F 98 20.24 -28.85 -14.05
C TYR F 98 21.40 -29.78 -13.66
N PRO F 99 22.62 -29.48 -14.14
CA PRO F 99 23.80 -30.33 -13.91
C PRO F 99 24.20 -30.48 -12.45
N GLY F 100 23.71 -29.58 -11.60
CA GLY F 100 24.07 -29.55 -10.18
C GLY F 100 23.42 -30.60 -9.28
N CYS F 101 22.40 -31.28 -9.79
CA CYS F 101 21.60 -32.23 -9.00
C CYS F 101 22.40 -33.42 -8.46
N LYS F 102 22.16 -33.76 -7.19
CA LYS F 102 22.84 -34.87 -6.51
C LYS F 102 22.33 -36.22 -6.99
N TYR F 103 21.03 -36.30 -7.26
CA TYR F 103 20.43 -37.52 -7.81
C TYR F 103 21.07 -37.86 -9.16
N LEU F 104 21.16 -36.85 -10.03
CA LEU F 104 21.81 -36.96 -11.31
C LEU F 104 23.26 -37.44 -11.16
N LEU F 105 23.98 -36.88 -10.20
CA LEU F 105 25.38 -37.21 -10.00
C LEU F 105 25.57 -38.67 -9.60
N GLU F 106 24.82 -39.13 -8.61
CA GLU F 106 25.02 -40.48 -8.12
C GLU F 106 24.32 -41.54 -8.97
N GLN F 107 23.45 -41.10 -9.87
CA GLN F 107 22.84 -42.01 -10.83
C GLN F 107 23.62 -42.13 -12.14
N LYS F 108 24.35 -41.08 -12.52
CA LYS F 108 25.04 -41.07 -13.82
C LYS F 108 26.55 -40.79 -13.74
N GLY F 109 26.96 -40.05 -12.71
CA GLY F 109 28.37 -39.74 -12.52
C GLY F 109 28.84 -38.46 -13.18
N GLN F 110 29.97 -37.96 -12.71
CA GLN F 110 30.60 -36.72 -13.20
C GLN F 110 30.80 -36.69 -14.70
N GLU F 111 31.37 -37.77 -15.22
CA GLU F 111 31.78 -37.85 -16.62
C GLU F 111 30.57 -37.65 -17.51
N TYR F 112 29.52 -38.40 -17.21
CA TYR F 112 28.27 -38.28 -17.96
C TYR F 112 27.83 -36.83 -18.03
N ILE F 113 27.73 -36.18 -16.85
CA ILE F 113 27.25 -34.80 -16.77
C ILE F 113 28.15 -33.88 -17.56
N ASN F 114 29.45 -33.98 -17.32
CA ASN F 114 30.40 -33.12 -18.02
C ASN F 114 30.47 -33.35 -19.53
N ASN F 115 30.18 -34.58 -19.96
CA ASN F 115 30.05 -34.88 -21.37
C ASN F 115 28.92 -34.11 -22.05
N ILE F 116 27.71 -34.18 -21.49
CA ILE F 116 26.55 -33.47 -22.08
C ILE F 116 26.93 -32.01 -22.32
N HIS F 117 27.53 -31.38 -21.32
CA HIS F 117 27.98 -29.99 -21.42
C HIS F 117 29.08 -29.74 -22.42
N LEU F 118 30.11 -30.59 -22.43
CA LEU F 118 31.19 -30.48 -23.41
C LEU F 118 30.66 -30.65 -24.83
N THR F 119 29.75 -31.60 -24.99
CA THR F 119 29.11 -31.85 -26.28
C THR F 119 28.37 -30.61 -26.79
N HIS F 120 27.57 -29.99 -25.92
CA HIS F 120 26.83 -28.80 -26.30
C HIS F 120 27.75 -27.63 -26.64
N SER F 121 28.84 -27.46 -25.90
CA SER F 121 29.83 -26.43 -26.18
C SER F 121 30.55 -26.64 -27.52
N LEU F 122 30.81 -27.90 -27.85
CA LEU F 122 31.53 -28.25 -29.07
C LEU F 122 30.65 -27.98 -30.28
N GLU F 123 29.40 -28.44 -30.20
CA GLU F 123 28.41 -28.24 -31.24
C GLU F 123 28.26 -26.75 -31.56
N GLU F 124 27.92 -25.96 -30.54
CA GLU F 124 27.79 -24.51 -30.68
C GLU F 124 29.02 -23.92 -31.30
N CYS F 125 30.18 -24.34 -30.82
CA CYS F 125 31.44 -23.86 -31.33
C CYS F 125 31.67 -24.19 -32.81
N LEU F 126 31.42 -25.44 -33.19
CA LEU F 126 31.67 -25.90 -34.55
C LEU F 126 30.69 -25.26 -35.53
N VAL F 127 29.46 -25.05 -35.08
CA VAL F 127 28.37 -24.66 -35.96
C VAL F 127 28.54 -23.22 -36.45
N ARG F 128 29.72 -22.66 -36.24
CA ARG F 128 29.96 -21.24 -36.47
C ARG F 128 30.85 -21.02 -37.68
N THR F 129 32.12 -21.41 -37.55
CA THR F 129 32.86 -21.98 -38.67
C THR F 129 34.11 -22.72 -38.19
N THR G 28 2.06 21.94 9.63
CA THR G 28 1.10 22.17 10.76
C THR G 28 0.37 20.88 11.12
N ASN G 29 1.03 19.74 10.91
CA ASN G 29 0.44 18.44 11.22
C ASN G 29 0.56 18.10 12.69
N LEU G 30 -0.55 18.28 13.41
CA LEU G 30 -0.64 17.94 14.83
C LEU G 30 -1.85 17.02 15.00
N PRO G 31 -1.87 16.24 16.08
CA PRO G 31 -3.01 15.32 16.21
C PRO G 31 -4.36 16.05 16.19
N ARG G 32 -5.33 15.44 15.53
CA ARG G 32 -6.69 15.97 15.49
C ARG G 32 -7.29 15.89 16.90
N ASN G 33 -7.18 14.71 17.52
CA ASN G 33 -7.66 14.49 18.88
C ASN G 33 -6.52 14.13 19.84
N PRO G 34 -5.82 15.16 20.36
CA PRO G 34 -4.65 14.97 21.21
C PRO G 34 -4.92 14.20 22.50
N SER G 35 -6.19 14.12 22.90
CA SER G 35 -6.54 13.38 24.12
C SER G 35 -6.47 11.87 23.92
N MET G 36 -6.41 11.42 22.67
CA MET G 36 -6.29 10.00 22.37
C MET G 36 -4.91 9.64 21.82
N ALA G 37 -3.94 10.53 22.04
CA ALA G 37 -2.55 10.30 21.62
C ALA G 37 -1.89 9.13 22.35
N ASP G 38 -2.19 8.99 23.65
CA ASP G 38 -1.66 7.90 24.45
C ASP G 38 -2.38 6.59 24.13
N TYR G 39 -1.59 5.53 23.96
CA TYR G 39 -2.12 4.21 23.61
C TYR G 39 -3.15 3.67 24.60
N GLU G 40 -2.87 3.85 25.89
CA GLU G 40 -3.73 3.29 26.94
C GLU G 40 -5.09 3.98 26.96
N ALA G 41 -5.09 5.28 26.63
CA ALA G 41 -6.34 6.03 26.50
C ALA G 41 -7.26 5.43 25.45
N ARG G 42 -6.68 4.86 24.38
CA ARG G 42 -7.46 4.34 23.26
C ARG G 42 -8.10 2.99 23.56
N ILE G 43 -7.32 2.03 24.09
CA ILE G 43 -7.89 0.71 24.47
C ILE G 43 -9.00 0.81 25.50
N PHE G 44 -8.89 1.81 26.38
CA PHE G 44 -9.92 2.14 27.36
C PHE G 44 -11.29 2.34 26.70
N THR G 45 -11.28 2.93 25.50
CA THR G 45 -12.51 3.17 24.74
C THR G 45 -13.09 1.88 24.17
N PHE G 46 -12.28 0.82 24.15
CA PHE G 46 -12.73 -0.43 23.55
C PHE G 46 -13.55 -1.31 24.49
N GLY G 47 -13.20 -1.31 25.78
CA GLY G 47 -13.97 -1.96 26.83
C GLY G 47 -14.90 -3.09 26.39
N THR G 48 -16.15 -2.74 26.06
CA THR G 48 -17.17 -3.70 25.62
C THR G 48 -17.07 -4.02 24.12
N TRP G 49 -15.86 -4.30 23.65
CA TRP G 49 -15.63 -4.54 22.21
C TRP G 49 -16.05 -5.95 21.79
N ILE G 50 -17.15 -6.01 21.04
CA ILE G 50 -17.77 -7.28 20.69
C ILE G 50 -17.48 -7.73 19.25
N TYR G 51 -16.48 -7.12 18.63
CA TYR G 51 -16.29 -7.30 17.18
C TYR G 51 -15.10 -8.15 16.77
N SER G 52 -15.19 -8.70 15.55
CA SER G 52 -14.23 -9.65 14.99
C SER G 52 -12.79 -9.14 14.86
N VAL G 53 -12.61 -7.83 14.71
CA VAL G 53 -11.26 -7.27 14.57
C VAL G 53 -10.62 -6.98 15.93
N ASN G 54 -9.37 -7.39 16.08
CA ASN G 54 -8.61 -7.26 17.32
C ASN G 54 -8.46 -5.82 17.80
N LYS G 55 -8.79 -5.58 19.07
CA LYS G 55 -8.84 -4.23 19.63
C LYS G 55 -7.47 -3.62 19.91
N GLU G 56 -6.47 -4.47 20.15
CA GLU G 56 -5.10 -4.01 20.40
C GLU G 56 -4.47 -3.51 19.11
N GLN G 57 -4.69 -4.27 18.03
CA GLN G 57 -4.26 -3.87 16.69
C GLN G 57 -4.90 -2.54 16.26
N LEU G 58 -6.20 -2.40 16.51
CA LEU G 58 -6.89 -1.15 16.22
C LEU G 58 -6.28 0.00 16.99
N ALA G 59 -6.09 -0.20 18.29
CA ALA G 59 -5.51 0.85 19.13
C ALA G 59 -4.06 1.21 18.75
N ARG G 60 -3.27 0.21 18.39
CA ARG G 60 -1.88 0.44 18.01
C ARG G 60 -1.79 1.12 16.65
N ALA G 61 -2.76 0.84 15.79
CA ALA G 61 -2.87 1.52 14.51
C ALA G 61 -3.39 2.96 14.69
N GLY G 62 -3.66 3.33 15.95
CA GLY G 62 -4.05 4.69 16.30
C GLY G 62 -5.54 4.95 16.37
N PHE G 63 -6.33 3.90 16.16
CA PHE G 63 -7.79 4.02 16.20
C PHE G 63 -8.34 3.95 17.61
N TYR G 64 -9.42 4.67 17.86
CA TYR G 64 -10.19 4.55 19.10
C TYR G 64 -11.68 4.40 18.77
N ALA G 65 -12.40 3.70 19.64
CA ALA G 65 -13.83 3.42 19.43
C ALA G 65 -14.70 4.64 19.73
N LEU G 66 -15.76 4.83 18.95
CA LEU G 66 -16.66 5.95 19.16
C LEU G 66 -17.84 5.56 20.05
N GLY G 67 -18.10 4.26 20.14
CA GLY G 67 -19.24 3.74 20.89
C GLY G 67 -20.51 3.72 20.06
N GLU G 68 -20.36 3.65 18.75
CA GLU G 68 -21.47 3.58 17.82
C GLU G 68 -21.17 2.47 16.81
N GLY G 69 -21.43 1.23 17.21
CA GLY G 69 -21.05 0.05 16.41
C GLY G 69 -19.54 -0.09 16.37
N ASP G 70 -19.02 -0.61 15.26
CA ASP G 70 -17.57 -0.76 15.09
C ASP G 70 -16.90 0.46 14.43
N LYS G 71 -17.45 1.65 14.66
CA LYS G 71 -16.89 2.87 14.12
C LYS G 71 -15.64 3.26 14.90
N VAL G 72 -14.54 3.51 14.19
CA VAL G 72 -13.31 3.95 14.83
C VAL G 72 -12.75 5.14 14.09
N LYS G 73 -11.88 5.89 14.75
CA LYS G 73 -11.22 7.03 14.15
C LYS G 73 -9.75 7.08 14.57
N CYS G 74 -8.90 7.55 13.67
CA CYS G 74 -7.51 7.73 13.98
C CYS G 74 -7.39 9.01 14.80
N PHE G 75 -6.66 8.96 15.91
CA PHE G 75 -6.52 10.12 16.77
C PHE G 75 -5.83 11.26 16.04
N HIS G 76 -5.00 10.91 15.07
CA HIS G 76 -4.17 11.91 14.41
C HIS G 76 -4.83 12.51 13.18
N CYS G 77 -5.24 11.68 12.23
CA CYS G 77 -5.77 12.21 10.98
C CYS G 77 -7.29 12.33 10.99
N GLY G 78 -7.92 11.79 12.02
CA GLY G 78 -9.36 11.85 12.17
C GLY G 78 -10.10 10.92 11.25
N GLY G 79 -9.36 10.12 10.47
CA GLY G 79 -9.96 9.19 9.52
C GLY G 79 -10.77 8.13 10.23
N GLY G 80 -12.00 7.91 9.77
CA GLY G 80 -12.90 6.98 10.42
C GLY G 80 -13.25 5.79 9.57
N LEU G 81 -13.38 4.63 10.19
CA LEU G 81 -13.67 3.38 9.48
C LEU G 81 -14.74 2.58 10.19
N THR G 82 -15.62 1.95 9.42
CA THR G 82 -16.66 1.09 9.97
C THR G 82 -16.75 -0.14 9.11
N ASP G 83 -17.53 -1.12 9.56
CA ASP G 83 -17.90 -2.30 8.79
C ASP G 83 -16.66 -3.17 8.53
N TRP G 84 -15.91 -3.41 9.60
CA TRP G 84 -14.68 -4.20 9.54
C TRP G 84 -14.96 -5.69 9.34
N LYS G 85 -14.33 -6.27 8.31
CA LYS G 85 -14.32 -7.71 8.11
C LYS G 85 -13.33 -8.37 9.08
N PRO G 86 -13.60 -9.63 9.47
CA PRO G 86 -12.72 -10.36 10.41
C PRO G 86 -11.28 -10.52 9.92
N SER G 87 -11.09 -10.61 8.60
CA SER G 87 -9.76 -10.78 8.03
C SER G 87 -8.98 -9.46 7.86
N GLU G 88 -9.68 -8.33 7.92
CA GLU G 88 -9.08 -7.02 7.60
C GLU G 88 -8.05 -6.54 8.62
N ASP G 89 -6.94 -6.02 8.11
CA ASP G 89 -5.82 -5.57 8.93
C ASP G 89 -5.89 -4.07 9.20
N PRO G 90 -5.91 -3.67 10.48
CA PRO G 90 -5.97 -2.26 10.89
C PRO G 90 -4.94 -1.34 10.23
N TRP G 91 -3.67 -1.72 10.27
CA TRP G 91 -2.59 -0.92 9.68
C TRP G 91 -2.74 -0.76 8.17
N GLU G 92 -3.08 -1.86 7.49
CA GLU G 92 -3.29 -1.84 6.04
C GLU G 92 -4.49 -0.98 5.64
N GLN G 93 -5.57 -1.10 6.40
CA GLN G 93 -6.78 -0.33 6.15
C GLN G 93 -6.54 1.16 6.36
N HIS G 94 -5.75 1.48 7.38
CA HIS G 94 -5.39 2.85 7.64
C HIS G 94 -4.62 3.41 6.46
N ALA G 95 -3.66 2.63 5.95
CA ALA G 95 -2.80 3.09 4.87
C ALA G 95 -3.54 3.19 3.54
N LYS G 96 -4.44 2.24 3.30
CA LYS G 96 -5.27 2.26 2.10
C LYS G 96 -6.19 3.49 2.08
N TRP G 97 -6.91 3.71 3.17
CA TRP G 97 -7.91 4.78 3.22
C TRP G 97 -7.36 6.17 3.48
N TYR G 98 -6.40 6.27 4.42
CA TYR G 98 -5.86 7.58 4.77
C TYR G 98 -4.33 7.61 4.76
N PRO G 99 -3.71 7.44 3.57
CA PRO G 99 -2.25 7.43 3.46
C PRO G 99 -1.55 8.72 3.89
N GLY G 100 -2.31 9.81 4.06
CA GLY G 100 -1.72 11.11 4.40
C GLY G 100 -1.43 11.33 5.87
N CYS G 101 -1.86 10.42 6.73
CA CYS G 101 -1.71 10.55 8.18
C CYS G 101 -0.25 10.55 8.66
N LYS G 102 0.12 11.56 9.46
CA LYS G 102 1.49 11.67 9.98
C LYS G 102 1.85 10.56 10.96
N TYR G 103 0.88 10.16 11.77
CA TYR G 103 1.09 9.05 12.70
C TYR G 103 1.45 7.77 11.94
N LEU G 104 0.70 7.51 10.87
CA LEU G 104 0.96 6.34 10.03
C LEU G 104 2.39 6.40 9.48
N LEU G 105 2.76 7.56 8.95
CA LEU G 105 4.05 7.73 8.32
C LEU G 105 5.19 7.40 9.27
N GLU G 106 5.21 8.02 10.44
CA GLU G 106 6.34 7.80 11.33
C GLU G 106 6.31 6.47 12.06
N GLN G 107 5.14 5.83 12.10
CA GLN G 107 5.03 4.48 12.66
C GLN G 107 5.36 3.36 11.68
N LYS G 108 5.19 3.60 10.38
CA LYS G 108 5.33 2.53 9.38
C LYS G 108 6.26 2.85 8.22
N GLY G 109 6.41 4.14 7.92
CA GLY G 109 7.31 4.57 6.86
C GLY G 109 6.69 4.65 5.49
N GLN G 110 7.34 5.42 4.62
CA GLN G 110 6.90 5.65 3.24
C GLN G 110 6.72 4.35 2.51
N GLU G 111 7.72 3.48 2.65
CA GLU G 111 7.77 2.24 1.89
C GLU G 111 6.51 1.43 2.16
N TYR G 112 6.19 1.25 3.44
CA TYR G 112 4.97 0.55 3.81
C TYR G 112 3.73 1.14 3.13
N ILE G 113 3.55 2.46 3.24
CA ILE G 113 2.33 3.10 2.75
C ILE G 113 2.19 2.90 1.26
N ASN G 114 3.26 3.22 0.53
CA ASN G 114 3.31 3.04 -0.93
C ASN G 114 3.13 1.59 -1.39
N ASN G 115 3.65 0.64 -0.61
CA ASN G 115 3.48 -0.77 -0.90
C ASN G 115 2.01 -1.19 -0.88
N ILE G 116 1.29 -0.83 0.19
CA ILE G 116 -0.16 -1.02 0.26
C ILE G 116 -0.89 -0.48 -0.99
N HIS G 117 -0.60 0.75 -1.38
CA HIS G 117 -1.22 1.31 -2.59
C HIS G 117 -0.80 0.63 -3.90
N LEU G 118 0.49 0.34 -4.06
CA LEU G 118 0.98 -0.36 -5.26
C LEU G 118 0.43 -1.79 -5.38
N THR G 119 0.29 -2.45 -4.24
CA THR G 119 -0.31 -3.79 -4.16
C THR G 119 -1.76 -3.78 -4.66
N HIS G 120 -2.55 -2.84 -4.17
CA HIS G 120 -3.93 -2.69 -4.64
C HIS G 120 -4.01 -2.34 -6.15
N SER G 121 -3.11 -1.50 -6.63
CA SER G 121 -3.06 -1.20 -8.08
C SER G 121 -2.70 -2.43 -8.92
N LEU G 122 -1.69 -3.17 -8.47
CA LEU G 122 -1.23 -4.38 -9.18
C LEU G 122 -2.33 -5.42 -9.28
N GLU G 123 -3.05 -5.67 -8.18
CA GLU G 123 -4.10 -6.68 -8.22
C GLU G 123 -5.27 -6.27 -9.14
N GLU G 124 -5.58 -4.97 -9.19
CA GLU G 124 -6.62 -4.45 -10.09
C GLU G 124 -6.23 -4.64 -11.55
N CYS G 125 -4.98 -4.34 -11.86
CA CYS G 125 -4.47 -4.47 -13.20
C CYS G 125 -4.44 -5.94 -13.65
N LEU G 126 -4.05 -6.83 -12.74
CA LEU G 126 -3.91 -8.25 -13.07
C LEU G 126 -5.23 -9.01 -13.15
N VAL G 127 -6.26 -8.50 -12.47
CA VAL G 127 -7.58 -9.13 -12.45
C VAL G 127 -8.41 -8.77 -13.70
N ARG G 128 -8.15 -7.60 -14.27
CA ARG G 128 -8.72 -7.20 -15.56
C ARG G 128 -7.96 -7.82 -16.75
N THR G 129 -6.82 -8.47 -16.48
CA THR G 129 -5.87 -8.96 -17.49
C THR G 129 -5.19 -7.82 -18.24
N THR H 28 -3.48 30.58 5.79
CA THR H 28 -4.53 31.32 5.01
C THR H 28 -5.21 30.36 4.01
N ASN H 29 -5.75 30.93 2.94
CA ASN H 29 -6.31 30.17 1.81
C ASN H 29 -5.97 30.94 0.53
N LEU H 30 -4.70 30.88 0.13
CA LEU H 30 -4.19 31.61 -1.05
C LEU H 30 -4.38 30.78 -2.33
N PRO H 31 -4.55 31.45 -3.48
CA PRO H 31 -4.86 30.75 -4.74
C PRO H 31 -3.94 29.58 -5.02
N ARG H 32 -4.50 28.52 -5.56
CA ARG H 32 -3.75 27.32 -5.88
C ARG H 32 -3.06 27.43 -7.24
N ASN H 33 -3.50 28.40 -8.05
CA ASN H 33 -2.91 28.63 -9.37
C ASN H 33 -2.96 30.11 -9.77
N PRO H 34 -2.04 30.92 -9.20
CA PRO H 34 -2.00 32.37 -9.39
C PRO H 34 -1.97 32.83 -10.85
N SER H 35 -1.41 32.02 -11.75
CA SER H 35 -1.34 32.42 -13.16
C SER H 35 -2.72 32.43 -13.81
N MET H 36 -3.69 31.84 -13.14
CA MET H 36 -5.08 31.82 -13.61
C MET H 36 -5.99 32.70 -12.76
N ALA H 37 -5.40 33.60 -11.98
CA ALA H 37 -6.15 34.51 -11.12
C ALA H 37 -6.90 35.59 -11.89
N ASP H 38 -6.46 35.89 -13.11
CA ASP H 38 -7.12 36.87 -13.95
C ASP H 38 -8.16 36.24 -14.85
N TYR H 39 -9.27 36.96 -15.03
CA TYR H 39 -10.34 36.52 -15.92
C TYR H 39 -9.84 36.36 -17.35
N GLU H 40 -9.02 37.32 -17.80
CA GLU H 40 -8.47 37.30 -19.16
C GLU H 40 -7.67 36.04 -19.47
N ALA H 41 -6.79 35.63 -18.55
CA ALA H 41 -5.99 34.42 -18.69
C ALA H 41 -6.87 33.18 -18.78
N ARG H 42 -8.01 33.21 -18.09
CA ARG H 42 -8.93 32.07 -18.01
C ARG H 42 -9.73 31.81 -19.29
N ILE H 43 -10.37 32.84 -19.86
CA ILE H 43 -11.14 32.65 -21.11
C ILE H 43 -10.26 32.27 -22.29
N PHE H 44 -9.00 32.69 -22.24
CA PHE H 44 -7.98 32.31 -23.22
C PHE H 44 -7.99 30.79 -23.43
N THR H 45 -7.89 30.05 -22.32
CA THR H 45 -7.82 28.58 -22.37
C THR H 45 -9.10 27.93 -22.92
N PHE H 46 -10.13 28.74 -23.17
CA PHE H 46 -11.38 28.29 -23.78
C PHE H 46 -11.47 28.63 -25.28
N GLY H 47 -10.33 28.86 -25.93
CA GLY H 47 -10.30 29.25 -27.34
C GLY H 47 -11.08 28.34 -28.27
N THR H 48 -10.92 27.03 -28.09
CA THR H 48 -11.56 26.04 -28.96
C THR H 48 -12.69 25.30 -28.22
N TRP H 49 -13.51 26.05 -27.48
CA TRP H 49 -14.53 25.43 -26.63
C TRP H 49 -15.72 24.94 -27.46
N ILE H 50 -15.80 23.62 -27.59
CA ILE H 50 -16.82 22.97 -28.41
C ILE H 50 -17.95 22.37 -27.58
N TYR H 51 -18.09 22.85 -26.35
CA TYR H 51 -19.00 22.22 -25.39
C TYR H 51 -20.22 23.06 -25.00
N SER H 52 -21.24 22.35 -24.51
CA SER H 52 -22.55 22.91 -24.15
C SER H 52 -22.51 24.12 -23.21
N VAL H 53 -21.73 24.00 -22.12
CA VAL H 53 -21.68 25.06 -21.13
C VAL H 53 -20.85 26.26 -21.56
N ASN H 54 -21.39 27.45 -21.31
CA ASN H 54 -20.82 28.72 -21.73
C ASN H 54 -19.46 29.02 -21.11
N LYS H 55 -18.49 29.34 -21.97
CA LYS H 55 -17.12 29.62 -21.58
C LYS H 55 -16.94 30.86 -20.70
N GLU H 56 -17.73 31.90 -20.93
CA GLU H 56 -17.63 33.11 -20.12
C GLU H 56 -18.17 32.89 -18.70
N GLN H 57 -19.18 32.04 -18.59
CA GLN H 57 -19.74 31.68 -17.29
C GLN H 57 -18.76 30.82 -16.50
N LEU H 58 -18.19 29.81 -17.14
CA LEU H 58 -17.16 28.97 -16.51
C LEU H 58 -16.01 29.85 -16.00
N ALA H 59 -15.46 30.66 -16.90
CA ALA H 59 -14.37 31.55 -16.57
C ALA H 59 -14.71 32.49 -15.40
N ARG H 60 -15.93 33.00 -15.37
CA ARG H 60 -16.36 33.89 -14.27
C ARG H 60 -16.50 33.16 -12.95
N ALA H 61 -16.88 31.89 -13.03
CA ALA H 61 -17.01 31.04 -11.84
C ALA H 61 -15.65 30.52 -11.32
N GLY H 62 -14.56 30.96 -11.93
CA GLY H 62 -13.21 30.56 -11.50
C GLY H 62 -12.56 29.44 -12.32
N PHE H 63 -13.31 28.82 -13.21
CA PHE H 63 -12.81 27.69 -13.99
C PHE H 63 -11.95 28.08 -15.20
N TYR H 64 -10.87 27.33 -15.43
CA TYR H 64 -10.12 27.40 -16.68
C TYR H 64 -10.06 25.99 -17.25
N ALA H 65 -10.03 25.88 -18.57
CA ALA H 65 -10.01 24.59 -19.24
C ALA H 65 -8.62 23.96 -19.16
N LEU H 66 -8.56 22.64 -19.19
CA LEU H 66 -7.29 21.92 -19.08
C LEU H 66 -6.75 21.48 -20.43
N GLY H 67 -7.66 21.25 -21.38
CA GLY H 67 -7.28 20.79 -22.70
C GLY H 67 -7.88 19.44 -23.00
N GLU H 68 -8.05 18.63 -21.96
CA GLU H 68 -8.57 17.27 -22.12
C GLU H 68 -10.10 17.25 -22.00
N GLY H 69 -10.78 17.17 -23.14
CA GLY H 69 -12.25 17.15 -23.17
C GLY H 69 -12.82 18.42 -22.54
N ASP H 70 -13.90 18.27 -21.78
CA ASP H 70 -14.50 19.42 -21.09
C ASP H 70 -13.97 19.67 -19.66
N LYS H 71 -12.89 18.98 -19.28
CA LYS H 71 -12.28 19.11 -17.95
C LYS H 71 -11.96 20.55 -17.62
N VAL H 72 -12.38 20.99 -16.43
CA VAL H 72 -12.07 22.34 -15.95
C VAL H 72 -11.69 22.30 -14.47
N LYS H 73 -10.96 23.33 -14.03
CA LYS H 73 -10.53 23.44 -12.64
C LYS H 73 -10.68 24.87 -12.14
N CYS H 74 -10.99 25.02 -10.85
CA CYS H 74 -11.02 26.33 -10.22
C CYS H 74 -9.58 26.79 -9.95
N PHE H 75 -9.27 28.03 -10.33
CA PHE H 75 -7.94 28.56 -10.09
C PHE H 75 -7.59 28.70 -8.62
N HIS H 76 -8.61 28.77 -7.78
CA HIS H 76 -8.36 29.00 -6.36
C HIS H 76 -8.33 27.72 -5.53
N CYS H 77 -9.42 26.94 -5.58
CA CYS H 77 -9.54 25.75 -4.75
C CYS H 77 -9.00 24.49 -5.44
N GLY H 78 -8.80 24.59 -6.75
CA GLY H 78 -8.28 23.49 -7.53
C GLY H 78 -9.31 22.41 -7.82
N GLY H 79 -10.56 22.64 -7.40
CA GLY H 79 -11.62 21.65 -7.64
C GLY H 79 -11.86 21.46 -9.12
N GLY H 80 -12.06 20.22 -9.55
CA GLY H 80 -12.19 19.90 -10.97
C GLY H 80 -13.50 19.21 -11.35
N LEU H 81 -13.98 19.53 -12.55
CA LEU H 81 -15.29 19.06 -13.04
C LEU H 81 -15.29 18.69 -14.53
N THR H 82 -16.00 17.61 -14.87
CA THR H 82 -16.24 17.22 -16.26
C THR H 82 -17.63 16.69 -16.46
N ASP H 83 -17.97 16.44 -17.72
CA ASP H 83 -19.21 15.81 -18.10
C ASP H 83 -20.35 16.79 -17.74
N TRP H 84 -20.17 18.03 -18.19
CA TRP H 84 -21.19 19.06 -18.04
C TRP H 84 -22.41 18.73 -18.89
N LYS H 85 -23.56 18.63 -18.26
CA LYS H 85 -24.83 18.62 -18.97
C LYS H 85 -25.13 20.07 -19.41
N PRO H 86 -25.87 20.23 -20.52
CA PRO H 86 -26.16 21.60 -21.04
C PRO H 86 -26.97 22.47 -20.07
N SER H 87 -27.76 21.84 -19.21
CA SER H 87 -28.59 22.54 -18.24
C SER H 87 -27.81 23.17 -17.07
N GLU H 88 -26.57 22.74 -16.87
CA GLU H 88 -25.90 23.02 -15.60
C GLU H 88 -25.23 24.39 -15.48
N ASP H 89 -25.33 24.95 -14.28
CA ASP H 89 -24.80 26.27 -13.98
C ASP H 89 -23.44 26.19 -13.24
N PRO H 90 -22.39 26.80 -13.80
CA PRO H 90 -21.04 26.76 -13.22
C PRO H 90 -20.95 27.17 -11.74
N TRP H 91 -21.55 28.31 -11.37
CA TRP H 91 -21.54 28.74 -9.97
C TRP H 91 -22.21 27.70 -9.07
N GLU H 92 -23.38 27.22 -9.49
CA GLU H 92 -24.09 26.18 -8.74
C GLU H 92 -23.26 24.91 -8.55
N GLN H 93 -22.64 24.45 -9.64
CA GLN H 93 -21.77 23.28 -9.61
C GLN H 93 -20.53 23.48 -8.74
N HIS H 94 -19.92 24.66 -8.83
CA HIS H 94 -18.86 25.03 -7.91
C HIS H 94 -19.32 24.82 -6.46
N ALA H 95 -20.38 25.54 -6.06
CA ALA H 95 -20.90 25.48 -4.69
C ALA H 95 -21.29 24.09 -4.20
N LYS H 96 -21.80 23.26 -5.11
CA LYS H 96 -22.27 21.92 -4.78
C LYS H 96 -21.11 20.98 -4.48
N TRP H 97 -20.10 21.03 -5.34
CA TRP H 97 -18.98 20.09 -5.27
C TRP H 97 -17.85 20.60 -4.38
N TYR H 98 -17.52 21.89 -4.49
CA TYR H 98 -16.40 22.46 -3.75
C TYR H 98 -16.80 23.67 -2.93
N PRO H 99 -17.74 23.49 -1.97
CA PRO H 99 -18.28 24.61 -1.23
C PRO H 99 -17.23 25.39 -0.47
N GLY H 100 -16.08 24.77 -0.23
CA GLY H 100 -15.02 25.36 0.59
C GLY H 100 -14.29 26.56 0.01
N CYS H 101 -14.17 26.61 -1.31
CA CYS H 101 -13.45 27.65 -2.03
C CYS H 101 -13.63 29.10 -1.54
N LYS H 102 -12.54 29.87 -1.53
CA LYS H 102 -12.57 31.23 -0.99
C LYS H 102 -12.95 32.24 -2.05
N TYR H 103 -12.60 31.93 -3.30
CA TYR H 103 -13.05 32.71 -4.44
C TYR H 103 -14.57 32.68 -4.49
N LEU H 104 -15.12 31.46 -4.45
CA LEU H 104 -16.55 31.24 -4.34
C LEU H 104 -17.18 32.06 -3.20
N LEU H 105 -16.58 32.01 -2.01
CA LEU H 105 -17.12 32.72 -0.85
C LEU H 105 -17.20 34.22 -1.10
N GLU H 106 -16.19 34.77 -1.78
CA GLU H 106 -16.11 36.21 -1.94
C GLU H 106 -17.00 36.70 -3.05
N GLN H 107 -17.22 35.86 -4.05
CA GLN H 107 -18.07 36.22 -5.19
C GLN H 107 -19.56 36.02 -4.91
N LYS H 108 -19.91 34.90 -4.27
CA LYS H 108 -21.31 34.54 -4.10
C LYS H 108 -21.83 34.68 -2.66
N GLY H 109 -20.95 34.44 -1.68
CA GLY H 109 -21.33 34.59 -0.27
C GLY H 109 -21.83 33.31 0.40
N GLN H 110 -21.79 33.31 1.72
CA GLN H 110 -22.13 32.13 2.52
C GLN H 110 -23.58 31.71 2.35
N GLU H 111 -24.46 32.68 2.14
CA GLU H 111 -25.89 32.41 2.02
C GLU H 111 -26.13 31.63 0.73
N TYR H 112 -25.56 32.13 -0.36
CA TYR H 112 -25.66 31.42 -1.62
C TYR H 112 -25.17 29.97 -1.48
N ILE H 113 -23.95 29.78 -0.94
CA ILE H 113 -23.35 28.44 -0.86
C ILE H 113 -24.19 27.51 0.00
N ASN H 114 -24.57 27.97 1.18
CA ASN H 114 -25.43 27.17 2.05
C ASN H 114 -26.81 26.88 1.46
N ASN H 115 -27.30 27.78 0.61
CA ASN H 115 -28.54 27.57 -0.13
C ASN H 115 -28.48 26.37 -1.08
N ILE H 116 -27.43 26.30 -1.91
CA ILE H 116 -27.24 25.16 -2.80
C ILE H 116 -27.28 23.85 -2.02
N HIS H 117 -26.53 23.79 -0.93
CA HIS H 117 -26.51 22.60 -0.08
C HIS H 117 -27.84 22.24 0.57
N LEU H 118 -28.48 23.21 1.20
CA LEU H 118 -29.80 22.97 1.78
C LEU H 118 -30.76 22.46 0.74
N THR H 119 -30.76 23.11 -0.42
CA THR H 119 -31.62 22.74 -1.52
C THR H 119 -31.44 21.28 -1.90
N HIS H 120 -30.20 20.83 -2.02
CA HIS H 120 -29.98 19.42 -2.38
C HIS H 120 -30.45 18.50 -1.28
N SER H 121 -30.24 18.90 -0.02
CA SER H 121 -30.70 18.14 1.14
C SER H 121 -32.22 17.99 1.17
N LEU H 122 -32.92 19.10 1.01
CA LEU H 122 -34.38 19.08 0.97
C LEU H 122 -34.87 18.21 -0.17
N GLU H 123 -34.23 18.35 -1.33
CA GLU H 123 -34.60 17.53 -2.47
C GLU H 123 -34.40 16.04 -2.20
N GLU H 124 -33.32 15.65 -1.54
CA GLU H 124 -33.13 14.23 -1.24
C GLU H 124 -34.17 13.61 -0.30
N CYS H 125 -34.57 14.30 0.77
CA CYS H 125 -35.58 13.69 1.67
C CYS H 125 -37.00 13.76 1.12
N LEU H 126 -37.31 14.84 0.40
CA LEU H 126 -38.62 15.00 -0.22
C LEU H 126 -38.88 13.91 -1.25
N VAL H 127 -37.91 13.69 -2.13
CA VAL H 127 -38.08 12.79 -3.27
C VAL H 127 -37.92 11.34 -2.85
N ARG H 128 -38.18 11.06 -1.57
CA ARG H 128 -37.91 9.74 -1.00
C ARG H 128 -39.04 9.30 -0.07
N THR H 129 -39.44 10.19 0.82
CA THR H 129 -40.68 10.03 1.57
C THR H 129 -41.89 10.06 0.64
N THR I 28 30.72 -44.87 -10.26
CA THR I 28 31.94 -44.34 -9.56
C THR I 28 32.06 -42.82 -9.72
N ASN I 29 32.37 -42.17 -8.60
CA ASN I 29 32.69 -40.74 -8.58
C ASN I 29 33.91 -40.45 -7.72
N LEU I 30 34.89 -41.36 -7.79
CA LEU I 30 36.10 -41.30 -6.98
C LEU I 30 37.05 -40.18 -7.41
N PRO I 31 37.75 -39.56 -6.43
CA PRO I 31 38.73 -38.52 -6.74
C PRO I 31 39.84 -39.00 -7.67
N ARG I 32 39.99 -38.34 -8.80
CA ARG I 32 40.96 -38.74 -9.82
C ARG I 32 42.43 -38.59 -9.46
N ASN I 33 42.74 -37.64 -8.58
CA ASN I 33 44.09 -37.49 -8.04
C ASN I 33 44.05 -37.44 -6.52
N PRO I 34 43.92 -38.61 -5.87
CA PRO I 34 43.69 -38.66 -4.42
C PRO I 34 44.81 -38.04 -3.59
N SER I 35 45.97 -37.84 -4.20
CA SER I 35 47.11 -37.23 -3.49
C SER I 35 46.88 -35.74 -3.28
N MET I 36 46.11 -35.13 -4.18
CA MET I 36 45.82 -33.70 -4.11
C MET I 36 44.55 -33.42 -3.31
N ALA I 37 44.04 -34.45 -2.63
CA ALA I 37 42.80 -34.34 -1.85
C ALA I 37 42.88 -33.31 -0.72
N ASP I 38 44.06 -33.17 -0.12
CA ASP I 38 44.27 -32.20 0.94
C ASP I 38 44.65 -30.82 0.38
N TYR I 39 44.03 -29.79 0.95
CA TYR I 39 44.35 -28.40 0.64
C TYR I 39 45.84 -28.10 0.74
N GLU I 40 46.49 -28.65 1.77
CA GLU I 40 47.93 -28.54 1.97
C GLU I 40 48.73 -28.90 0.71
N ALA I 41 48.53 -30.12 0.21
CA ALA I 41 49.21 -30.58 -0.99
C ALA I 41 49.06 -29.58 -2.13
N ARG I 42 47.88 -28.98 -2.22
CA ARG I 42 47.52 -28.14 -3.38
C ARG I 42 48.18 -26.76 -3.38
N ILE I 43 48.14 -26.03 -2.27
CA ILE I 43 48.78 -24.71 -2.16
C ILE I 43 50.28 -24.78 -2.45
N PHE I 44 50.88 -25.91 -2.06
CA PHE I 44 52.30 -26.17 -2.26
C PHE I 44 52.68 -26.10 -3.74
N THR I 45 51.81 -26.61 -4.61
CA THR I 45 52.03 -26.62 -6.07
C THR I 45 52.07 -25.21 -6.66
N PHE I 46 51.58 -24.24 -5.91
CA PHE I 46 51.54 -22.84 -6.36
C PHE I 46 52.75 -22.03 -5.89
N GLY I 47 53.84 -22.73 -5.54
CA GLY I 47 55.08 -22.11 -5.06
C GLY I 47 55.40 -20.74 -5.64
N THR I 48 55.80 -20.73 -6.91
CA THR I 48 56.18 -19.48 -7.58
C THR I 48 55.09 -18.98 -8.51
N TRP I 49 53.89 -18.78 -7.96
CA TRP I 49 52.73 -18.36 -8.74
C TRP I 49 52.83 -16.89 -9.12
N ILE I 50 52.82 -16.60 -10.42
CA ILE I 50 53.07 -15.25 -10.94
C ILE I 50 51.84 -14.62 -11.61
N TYR I 51 50.69 -15.29 -11.50
CA TYR I 51 49.49 -14.89 -12.24
C TYR I 51 48.45 -14.20 -11.36
N SER I 52 47.57 -13.43 -11.99
CA SER I 52 46.65 -12.54 -11.27
C SER I 52 45.62 -13.26 -10.40
N VAL I 53 45.21 -14.46 -10.79
CA VAL I 53 44.24 -15.24 -10.01
C VAL I 53 44.90 -15.85 -8.78
N ASN I 54 44.35 -15.53 -7.62
CA ASN I 54 44.93 -15.86 -6.32
C ASN I 54 45.05 -17.37 -6.07
N LYS I 55 46.23 -17.80 -5.63
CA LYS I 55 46.52 -19.22 -5.44
C LYS I 55 45.68 -19.91 -4.36
N GLU I 56 45.35 -19.20 -3.28
CA GLU I 56 44.52 -19.77 -2.21
C GLU I 56 43.09 -20.06 -2.66
N GLN I 57 42.51 -19.13 -3.43
CA GLN I 57 41.19 -19.32 -4.02
C GLN I 57 41.18 -20.51 -4.97
N LEU I 58 42.19 -20.58 -5.83
CA LEU I 58 42.37 -21.72 -6.72
C LEU I 58 42.42 -23.03 -5.94
N ALA I 59 43.29 -23.09 -4.95
CA ALA I 59 43.48 -24.31 -4.16
C ALA I 59 42.23 -24.73 -3.37
N ARG I 60 41.53 -23.79 -2.75
CA ARG I 60 40.30 -24.08 -2.04
C ARG I 60 39.20 -24.58 -2.98
N ALA I 61 39.25 -24.11 -4.22
CA ALA I 61 38.28 -24.52 -5.24
C ALA I 61 38.56 -25.94 -5.78
N GLY I 62 39.69 -26.53 -5.35
CA GLY I 62 40.04 -27.89 -5.72
C GLY I 62 41.14 -28.01 -6.75
N PHE I 63 41.70 -26.88 -7.19
CA PHE I 63 42.73 -26.86 -8.22
C PHE I 63 44.16 -26.99 -7.69
N TYR I 64 45.04 -27.57 -8.52
CA TYR I 64 46.46 -27.55 -8.25
C TYR I 64 47.15 -27.18 -9.55
N ALA I 65 48.31 -26.56 -9.45
CA ALA I 65 49.04 -26.08 -10.61
C ALA I 65 49.84 -27.21 -11.27
N LEU I 66 49.93 -27.17 -12.60
CA LEU I 66 50.65 -28.21 -13.35
C LEU I 66 52.14 -27.90 -13.49
N GLY I 67 52.47 -26.61 -13.47
CA GLY I 67 53.85 -26.17 -13.65
C GLY I 67 54.11 -25.86 -15.11
N GLU I 68 53.14 -25.24 -15.76
CA GLU I 68 53.19 -24.97 -17.19
C GLU I 68 52.21 -23.84 -17.46
N GLY I 69 52.71 -22.61 -17.45
CA GLY I 69 51.86 -21.43 -17.48
C GLY I 69 50.90 -21.44 -16.30
N ASP I 70 49.66 -21.00 -16.53
CA ASP I 70 48.65 -20.97 -15.48
C ASP I 70 47.73 -22.19 -15.47
N LYS I 71 48.15 -23.27 -16.13
CA LYS I 71 47.34 -24.50 -16.18
C LYS I 71 47.08 -25.04 -14.79
N VAL I 72 45.81 -25.28 -14.48
CA VAL I 72 45.42 -25.94 -13.22
C VAL I 72 44.43 -27.04 -13.53
N LYS I 73 44.27 -27.96 -12.58
CA LYS I 73 43.37 -29.09 -12.73
C LYS I 73 42.65 -29.31 -11.42
N CYS I 74 41.40 -29.75 -11.48
CA CYS I 74 40.68 -30.08 -10.28
C CYS I 74 41.09 -31.48 -9.82
N PHE I 75 41.36 -31.64 -8.54
CA PHE I 75 41.82 -32.93 -8.03
C PHE I 75 40.76 -34.02 -8.13
N HIS I 76 39.51 -33.61 -8.20
CA HIS I 76 38.41 -34.58 -8.15
C HIS I 76 37.83 -34.95 -9.51
N CYS I 77 37.51 -33.95 -10.34
CA CYS I 77 36.90 -34.22 -11.64
C CYS I 77 37.94 -34.25 -12.75
N GLY I 78 39.17 -33.86 -12.38
CA GLY I 78 40.26 -33.75 -13.34
C GLY I 78 40.02 -32.70 -14.40
N GLY I 79 39.11 -31.76 -14.12
CA GLY I 79 38.82 -30.68 -15.07
C GLY I 79 39.96 -29.68 -15.11
N GLY I 80 40.39 -29.32 -16.31
CA GLY I 80 41.53 -28.43 -16.48
C GLY I 80 41.22 -27.08 -17.07
N LEU I 81 41.91 -26.05 -16.59
CA LEU I 81 41.66 -24.66 -17.00
C LEU I 81 42.95 -23.87 -17.16
N THR I 82 43.02 -23.04 -18.20
CA THR I 82 44.19 -22.20 -18.51
C THR I 82 43.68 -20.84 -18.91
N ASP I 83 44.61 -19.89 -19.02
CA ASP I 83 44.33 -18.60 -19.62
C ASP I 83 43.27 -17.84 -18.80
N TRP I 84 43.56 -17.71 -17.51
CA TRP I 84 42.71 -16.98 -16.58
C TRP I 84 42.80 -15.48 -16.80
N LYS I 85 41.65 -14.83 -16.85
CA LYS I 85 41.60 -13.37 -16.78
C LYS I 85 41.73 -12.97 -15.31
N PRO I 86 42.30 -11.79 -15.02
CA PRO I 86 42.48 -11.35 -13.63
C PRO I 86 41.21 -11.32 -12.77
N SER I 87 40.06 -11.04 -13.39
CA SER I 87 38.81 -10.88 -12.67
C SER I 87 38.11 -12.20 -12.34
N GLU I 88 38.45 -13.24 -13.09
CA GLU I 88 37.68 -14.50 -13.08
C GLU I 88 37.70 -15.24 -11.76
N ASP I 89 36.58 -15.86 -11.42
CA ASP I 89 36.44 -16.57 -10.15
C ASP I 89 36.57 -18.10 -10.28
N PRO I 90 37.56 -18.69 -9.58
CA PRO I 90 37.83 -20.12 -9.51
C PRO I 90 36.61 -21.00 -9.28
N TRP I 91 35.78 -20.68 -8.30
CA TRP I 91 34.53 -21.42 -8.07
C TRP I 91 33.54 -21.29 -9.23
N GLU I 92 33.42 -20.07 -9.77
CA GLU I 92 32.48 -19.83 -10.86
C GLU I 92 32.90 -20.58 -12.13
N GLN I 93 34.19 -20.49 -12.46
CA GLN I 93 34.75 -21.22 -13.59
C GLN I 93 34.62 -22.73 -13.43
N HIS I 94 34.89 -23.21 -12.21
CA HIS I 94 34.71 -24.62 -11.91
C HIS I 94 33.29 -25.09 -12.24
N ALA I 95 32.30 -24.27 -11.88
CA ALA I 95 30.90 -24.64 -12.07
C ALA I 95 30.45 -24.46 -13.50
N LYS I 96 30.96 -23.41 -14.16
CA LYS I 96 30.66 -23.14 -15.55
C LYS I 96 31.16 -24.27 -16.45
N TRP I 97 32.43 -24.65 -16.30
CA TRP I 97 33.07 -25.64 -17.18
C TRP I 97 32.84 -27.08 -16.76
N TYR I 98 32.80 -27.34 -15.46
CA TYR I 98 32.72 -28.72 -14.97
C TYR I 98 31.68 -28.90 -13.86
N PRO I 99 30.42 -28.54 -14.16
CA PRO I 99 29.36 -28.55 -13.16
C PRO I 99 29.11 -29.93 -12.58
N GLY I 100 29.67 -30.97 -13.21
CA GLY I 100 29.43 -32.34 -12.78
C GLY I 100 30.31 -32.84 -11.64
N CYS I 101 31.31 -32.05 -11.25
CA CYS I 101 32.23 -32.42 -10.17
C CYS I 101 31.56 -32.67 -8.80
N LYS I 102 31.92 -33.77 -8.15
CA LYS I 102 31.35 -34.17 -6.85
C LYS I 102 31.87 -33.30 -5.70
N TYR I 103 33.09 -32.84 -5.85
CA TYR I 103 33.71 -31.98 -4.84
C TYR I 103 33.04 -30.61 -4.86
N LEU I 104 32.82 -30.09 -6.06
CA LEU I 104 32.10 -28.85 -6.27
C LEU I 104 30.69 -28.89 -5.68
N LEU I 105 30.00 -30.02 -5.85
CA LEU I 105 28.65 -30.19 -5.30
C LEU I 105 28.65 -30.18 -3.78
N GLU I 106 29.63 -30.84 -3.18
CA GLU I 106 29.69 -30.94 -1.72
C GLU I 106 30.16 -29.65 -1.05
N GLN I 107 30.95 -28.83 -1.75
CA GLN I 107 31.42 -27.58 -1.16
C GLN I 107 30.46 -26.41 -1.38
N LYS I 108 29.77 -26.41 -2.52
CA LYS I 108 29.00 -25.25 -2.94
C LYS I 108 27.51 -25.53 -3.06
N GLY I 109 27.14 -26.79 -3.31
CA GLY I 109 25.75 -27.17 -3.38
C GLY I 109 25.12 -27.03 -4.75
N GLN I 110 24.00 -27.73 -4.95
CA GLN I 110 23.23 -27.75 -6.19
C GLN I 110 22.83 -26.37 -6.70
N GLU I 111 22.33 -25.54 -5.79
CA GLU I 111 21.77 -24.22 -6.11
C GLU I 111 22.83 -23.30 -6.67
N TYR I 112 24.00 -23.33 -6.04
CA TYR I 112 25.13 -22.57 -6.56
C TYR I 112 25.46 -22.97 -8.01
N ILE I 113 25.51 -24.27 -8.29
CA ILE I 113 25.92 -24.76 -9.60
C ILE I 113 24.90 -24.40 -10.66
N ASN I 114 23.63 -24.64 -10.36
CA ASN I 114 22.57 -24.29 -11.30
C ASN I 114 22.41 -22.79 -11.55
N ASN I 115 22.67 -21.97 -10.52
CA ASN I 115 22.65 -20.52 -10.67
C ASN I 115 23.67 -20.01 -11.68
N ILE I 116 24.89 -20.56 -11.62
CA ILE I 116 25.96 -20.17 -12.57
C ILE I 116 25.50 -20.43 -14.00
N HIS I 117 24.95 -21.62 -14.22
CA HIS I 117 24.40 -21.98 -15.52
C HIS I 117 23.16 -21.19 -15.97
N LEU I 118 22.23 -20.94 -15.05
CA LEU I 118 21.08 -20.08 -15.38
C LEU I 118 21.53 -18.68 -15.78
N THR I 119 22.47 -18.12 -15.01
CA THR I 119 23.01 -16.79 -15.30
C THR I 119 23.63 -16.72 -16.68
N HIS I 120 24.34 -17.79 -17.08
CA HIS I 120 24.93 -17.82 -18.41
C HIS I 120 23.86 -17.98 -19.50
N SER I 121 22.87 -18.84 -19.26
CA SER I 121 21.75 -18.99 -20.18
C SER I 121 20.98 -17.67 -20.37
N LEU I 122 20.68 -16.99 -19.25
CA LEU I 122 19.98 -15.73 -19.26
C LEU I 122 20.76 -14.67 -20.03
N GLU I 123 22.04 -14.54 -19.70
CA GLU I 123 22.87 -13.53 -20.35
C GLU I 123 22.92 -13.76 -21.86
N GLU I 124 23.08 -15.03 -22.28
CA GLU I 124 23.11 -15.37 -23.70
C GLU I 124 21.81 -15.00 -24.42
N CYS I 125 20.69 -15.27 -23.76
CA CYS I 125 19.37 -14.99 -24.29
C CYS I 125 19.08 -13.49 -24.40
N LEU I 126 19.50 -12.72 -23.41
CA LEU I 126 19.15 -11.31 -23.32
C LEU I 126 19.98 -10.46 -24.27
N VAL I 127 21.27 -10.78 -24.36
CA VAL I 127 22.03 -10.55 -25.58
C VAL I 127 21.56 -11.54 -26.63
N ARG I 128 20.25 -11.63 -26.82
CA ARG I 128 19.68 -11.71 -28.15
C ARG I 128 19.97 -13.01 -28.88
N THR I 129 19.55 -14.12 -28.29
CA THR I 129 19.92 -15.45 -28.79
C THR I 129 20.03 -15.44 -30.31
N THR J 28 30.53 -47.43 -0.73
CA THR J 28 31.81 -46.78 -0.29
C THR J 28 31.90 -46.74 1.24
N ASN J 29 33.12 -46.70 1.75
CA ASN J 29 33.36 -46.47 3.16
C ASN J 29 33.51 -44.97 3.40
N LEU J 30 32.38 -44.32 3.66
CA LEU J 30 32.29 -42.87 3.66
C LEU J 30 32.82 -42.22 4.94
N PRO J 31 33.56 -41.10 4.81
CA PRO J 31 34.05 -40.36 5.96
C PRO J 31 32.91 -40.07 6.93
N ARG J 32 33.11 -40.44 8.19
CA ARG J 32 32.13 -40.26 9.25
C ARG J 32 31.85 -38.79 9.55
N ASN J 33 32.86 -37.94 9.36
CA ASN J 33 32.77 -36.52 9.70
C ASN J 33 33.55 -35.69 8.67
N PRO J 34 32.92 -35.41 7.51
CA PRO J 34 33.60 -34.71 6.42
C PRO J 34 34.14 -33.33 6.78
N SER J 35 33.67 -32.76 7.89
CA SER J 35 34.13 -31.45 8.34
C SER J 35 35.58 -31.52 8.83
N MET J 36 35.95 -32.67 9.41
CA MET J 36 37.29 -32.85 9.95
C MET J 36 38.22 -33.60 8.99
N ALA J 37 37.88 -33.58 7.72
CA ALA J 37 38.66 -34.29 6.69
C ALA J 37 39.96 -33.56 6.34
N ASP J 38 40.04 -32.28 6.68
CA ASP J 38 41.22 -31.47 6.41
C ASP J 38 42.09 -31.38 7.67
N TYR J 39 43.39 -31.58 7.50
CA TYR J 39 44.34 -31.44 8.59
C TYR J 39 44.15 -30.10 9.30
N GLU J 40 44.09 -29.04 8.52
CA GLU J 40 43.85 -27.67 8.98
C GLU J 40 42.74 -27.59 10.02
N ALA J 41 41.61 -28.21 9.72
CA ALA J 41 40.46 -28.28 10.62
C ALA J 41 40.75 -29.07 11.90
N ARG J 42 41.64 -30.06 11.81
CA ARG J 42 41.88 -30.97 12.93
C ARG J 42 42.77 -30.42 14.05
N ILE J 43 43.90 -29.77 13.70
CA ILE J 43 44.80 -29.20 14.73
C ILE J 43 44.13 -28.03 15.43
N PHE J 44 43.27 -27.33 14.70
CA PHE J 44 42.42 -26.27 15.22
C PHE J 44 41.82 -26.69 16.56
N THR J 45 41.24 -27.89 16.58
CA THR J 45 40.57 -28.45 17.77
C THR J 45 41.53 -28.72 18.93
N PHE J 46 42.83 -28.75 18.64
CA PHE J 46 43.86 -28.95 19.66
C PHE J 46 44.40 -27.62 20.20
N GLY J 47 43.54 -26.60 20.24
CA GLY J 47 43.89 -25.28 20.75
C GLY J 47 44.55 -25.26 22.10
N THR J 48 43.84 -25.71 23.14
CA THR J 48 44.34 -25.67 24.51
C THR J 48 44.98 -27.00 24.95
N TRP J 49 45.51 -27.75 23.98
CA TRP J 49 46.05 -29.08 24.23
C TRP J 49 47.17 -29.11 25.27
N ILE J 50 46.93 -29.78 26.39
CA ILE J 50 47.88 -29.80 27.51
C ILE J 50 48.42 -31.19 27.91
N TYR J 51 48.20 -32.19 27.06
CA TYR J 51 48.63 -33.56 27.37
C TYR J 51 49.93 -33.95 26.64
N SER J 52 50.62 -34.94 27.17
CA SER J 52 51.93 -35.36 26.67
C SER J 52 51.97 -35.72 25.18
N VAL J 53 50.94 -36.42 24.69
CA VAL J 53 50.90 -36.88 23.29
C VAL J 53 50.84 -35.71 22.29
N ASN J 54 51.76 -35.72 21.33
CA ASN J 54 51.93 -34.62 20.39
C ASN J 54 50.70 -34.36 19.52
N LYS J 55 50.23 -33.11 19.50
CA LYS J 55 49.01 -32.75 18.78
C LYS J 55 49.11 -32.81 17.25
N GLU J 56 50.28 -32.49 16.71
CA GLU J 56 50.50 -32.61 15.25
C GLU J 56 50.40 -34.06 14.80
N GLN J 57 50.92 -34.98 15.62
CA GLN J 57 50.85 -36.41 15.34
C GLN J 57 49.41 -36.94 15.37
N LEU J 58 48.67 -36.57 16.42
CA LEU J 58 47.25 -36.94 16.54
C LEU J 58 46.46 -36.49 15.31
N ALA J 59 46.58 -35.21 14.97
CA ALA J 59 45.89 -34.65 13.81
C ALA J 59 46.31 -35.32 12.49
N ARG J 60 47.61 -35.51 12.33
CA ARG J 60 48.16 -36.17 11.14
C ARG J 60 47.62 -37.60 11.03
N ALA J 61 47.45 -38.26 12.17
CA ALA J 61 46.90 -39.62 12.21
C ALA J 61 45.37 -39.65 12.04
N GLY J 62 44.80 -38.47 11.77
CA GLY J 62 43.37 -38.36 11.49
C GLY J 62 42.46 -38.16 12.68
N PHE J 63 43.03 -37.82 13.84
CA PHE J 63 42.24 -37.55 15.03
C PHE J 63 41.94 -36.07 15.17
N TYR J 64 40.95 -35.76 16.00
CA TYR J 64 40.68 -34.40 16.45
C TYR J 64 40.13 -34.45 17.86
N ALA J 65 40.41 -33.41 18.65
CA ALA J 65 39.97 -33.34 20.05
C ALA J 65 38.47 -33.03 20.18
N LEU J 66 37.88 -33.47 21.29
CA LEU J 66 36.45 -33.25 21.55
C LEU J 66 36.19 -32.12 22.54
N GLY J 67 37.21 -31.76 23.30
CA GLY J 67 37.09 -30.75 24.35
C GLY J 67 37.18 -31.39 25.73
N GLU J 68 36.58 -32.57 25.86
CA GLU J 68 36.50 -33.27 27.15
C GLU J 68 37.72 -34.16 27.39
N GLY J 69 38.54 -33.82 28.39
CA GLY J 69 39.78 -34.53 28.67
C GLY J 69 40.65 -34.66 27.43
N ASP J 70 41.32 -35.81 27.28
CA ASP J 70 42.13 -36.07 26.08
C ASP J 70 41.40 -36.88 25.01
N LYS J 71 40.07 -36.94 25.11
CA LYS J 71 39.24 -37.67 24.15
C LYS J 71 39.43 -37.15 22.74
N VAL J 72 39.85 -38.06 21.85
CA VAL J 72 40.00 -37.75 20.42
C VAL J 72 39.18 -38.75 19.62
N LYS J 73 38.93 -38.43 18.35
CA LYS J 73 38.19 -39.30 17.46
C LYS J 73 38.76 -39.24 16.05
N CYS J 74 38.85 -40.39 15.40
CA CYS J 74 39.22 -40.40 13.99
C CYS J 74 38.08 -39.79 13.17
N PHE J 75 38.42 -38.86 12.27
CA PHE J 75 37.41 -38.23 11.42
C PHE J 75 36.76 -39.23 10.46
N HIS J 76 37.44 -40.34 10.20
CA HIS J 76 36.98 -41.27 9.18
C HIS J 76 36.22 -42.46 9.73
N CYS J 77 36.84 -43.20 10.66
CA CYS J 77 36.21 -44.40 11.21
C CYS J 77 35.39 -44.06 12.47
N GLY J 78 35.67 -42.89 13.04
CA GLY J 78 34.99 -42.44 14.26
C GLY J 78 35.45 -43.18 15.50
N GLY J 79 36.55 -43.91 15.37
CA GLY J 79 37.15 -44.60 16.52
C GLY J 79 37.62 -43.58 17.53
N GLY J 80 37.29 -43.79 18.80
CA GLY J 80 37.66 -42.88 19.86
C GLY J 80 38.67 -43.42 20.85
N LEU J 81 39.55 -42.54 21.33
CA LEU J 81 40.61 -42.92 22.25
C LEU J 81 40.81 -41.90 23.37
N THR J 82 41.00 -42.39 24.59
CA THR J 82 41.30 -41.54 25.74
C THR J 82 42.38 -42.23 26.54
N ASP J 83 42.91 -41.52 27.54
CA ASP J 83 43.83 -42.10 28.52
C ASP J 83 45.16 -42.50 27.87
N TRP J 84 45.67 -41.61 27.02
CA TRP J 84 46.96 -41.80 26.37
C TRP J 84 48.09 -41.73 27.37
N LYS J 85 48.90 -42.79 27.41
CA LYS J 85 50.21 -42.73 28.05
C LYS J 85 51.13 -41.90 27.15
N PRO J 86 52.14 -41.22 27.72
CA PRO J 86 53.06 -40.40 26.92
C PRO J 86 53.84 -41.12 25.81
N SER J 87 54.14 -42.40 26.02
CA SER J 87 54.97 -43.17 25.08
C SER J 87 54.19 -43.82 23.94
N GLU J 88 52.90 -43.54 23.86
CA GLU J 88 52.04 -44.20 22.87
C GLU J 88 51.95 -43.41 21.56
N ASP J 89 51.99 -44.12 20.45
CA ASP J 89 52.03 -43.48 19.14
C ASP J 89 50.64 -43.45 18.49
N PRO J 90 50.17 -42.25 18.09
CA PRO J 90 48.84 -42.09 17.49
C PRO J 90 48.57 -43.07 16.36
N TRP J 91 49.48 -43.15 15.38
CA TRP J 91 49.31 -44.08 14.26
C TRP J 91 49.19 -45.54 14.70
N GLU J 92 50.00 -45.93 15.69
CA GLU J 92 50.03 -47.30 16.20
C GLU J 92 48.75 -47.66 16.95
N GLN J 93 48.25 -46.70 17.72
CA GLN J 93 47.01 -46.91 18.47
C GLN J 93 45.81 -46.97 17.53
N HIS J 94 45.78 -46.06 16.55
CA HIS J 94 44.79 -46.11 15.50
C HIS J 94 44.74 -47.50 14.86
N ALA J 95 45.92 -48.04 14.53
CA ALA J 95 46.03 -49.37 13.91
C ALA J 95 45.61 -50.51 14.83
N LYS J 96 46.03 -50.46 16.09
CA LYS J 96 45.73 -51.52 17.05
C LYS J 96 44.24 -51.63 17.36
N TRP J 97 43.62 -50.49 17.69
CA TRP J 97 42.21 -50.42 18.06
C TRP J 97 41.25 -50.41 16.86
N TYR J 98 41.60 -49.68 15.80
CA TYR J 98 40.68 -49.54 14.68
C TYR J 98 41.35 -49.84 13.34
N PRO J 99 41.81 -51.10 13.17
CA PRO J 99 42.55 -51.47 11.96
C PRO J 99 41.69 -51.42 10.70
N GLY J 100 40.39 -51.22 10.86
CA GLY J 100 39.46 -51.22 9.72
C GLY J 100 39.37 -49.89 8.98
N CYS J 101 39.88 -48.83 9.60
CA CYS J 101 39.81 -47.49 9.03
C CYS J 101 40.44 -47.30 7.64
N LYS J 102 39.68 -46.69 6.74
CA LYS J 102 40.10 -46.51 5.35
C LYS J 102 41.16 -45.44 5.22
N TYR J 103 41.09 -44.43 6.09
CA TYR J 103 42.05 -43.35 6.06
C TYR J 103 43.41 -43.89 6.51
N LEU J 104 43.35 -44.75 7.52
CA LEU J 104 44.52 -45.48 7.98
C LEU J 104 45.13 -46.29 6.85
N LEU J 105 44.28 -47.02 6.12
CA LEU J 105 44.77 -47.88 5.04
C LEU J 105 45.50 -47.12 3.94
N GLU J 106 44.98 -45.98 3.53
CA GLU J 106 45.59 -45.27 2.41
C GLU J 106 46.76 -44.38 2.81
N GLN J 107 46.94 -44.16 4.10
CA GLN J 107 48.10 -43.40 4.58
C GLN J 107 49.26 -44.31 4.94
N LYS J 108 48.96 -45.44 5.57
CA LYS J 108 49.99 -46.28 6.17
C LYS J 108 50.16 -47.63 5.47
N GLY J 109 49.08 -48.13 4.87
CA GLY J 109 49.17 -49.35 4.06
C GLY J 109 48.87 -50.61 4.83
N GLN J 110 48.62 -51.69 4.11
CA GLN J 110 48.22 -52.97 4.69
C GLN J 110 49.28 -53.58 5.59
N GLU J 111 50.54 -53.47 5.19
CA GLU J 111 51.63 -54.12 5.90
C GLU J 111 51.87 -53.43 7.23
N TYR J 112 51.82 -52.10 7.21
CA TYR J 112 51.93 -51.36 8.46
C TYR J 112 50.86 -51.82 9.45
N ILE J 113 49.61 -51.92 8.97
CA ILE J 113 48.48 -52.26 9.83
C ILE J 113 48.61 -53.69 10.34
N ASN J 114 48.81 -54.63 9.42
CA ASN J 114 48.96 -56.02 9.82
C ASN J 114 50.17 -56.30 10.70
N ASN J 115 51.24 -55.53 10.55
CA ASN J 115 52.40 -55.68 11.42
C ASN J 115 52.13 -55.32 12.89
N ILE J 116 51.30 -54.29 13.12
CA ILE J 116 50.89 -53.90 14.47
C ILE J 116 50.18 -55.08 15.13
N HIS J 117 49.23 -55.68 14.42
CA HIS J 117 48.51 -56.85 14.94
C HIS J 117 49.41 -58.07 15.08
N LEU J 118 50.23 -58.33 14.07
CA LEU J 118 51.20 -59.42 14.14
C LEU J 118 52.06 -59.30 15.38
N THR J 119 52.61 -58.09 15.58
CA THR J 119 53.47 -57.78 16.70
C THR J 119 52.79 -58.07 18.03
N HIS J 120 51.56 -57.59 18.19
CA HIS J 120 50.83 -57.77 19.44
C HIS J 120 50.51 -59.24 19.68
N SER J 121 50.19 -59.97 18.61
CA SER J 121 49.94 -61.43 18.71
C SER J 121 51.20 -62.20 19.12
N LEU J 122 52.36 -61.77 18.60
CA LEU J 122 53.64 -62.39 18.94
C LEU J 122 53.97 -62.14 20.39
N GLU J 123 53.88 -60.87 20.82
CA GLU J 123 54.20 -60.48 22.19
C GLU J 123 53.34 -61.21 23.21
N GLU J 124 52.02 -61.20 22.96
CA GLU J 124 51.04 -61.86 23.81
C GLU J 124 51.35 -63.34 23.93
N CYS J 125 51.88 -63.90 22.84
CA CYS J 125 52.16 -65.32 22.76
C CYS J 125 53.42 -65.69 23.54
N LEU J 126 54.50 -64.95 23.32
CA LEU J 126 55.79 -65.21 23.96
C LEU J 126 55.79 -64.95 25.48
N VAL J 127 55.00 -63.98 25.91
CA VAL J 127 54.66 -63.85 27.33
C VAL J 127 53.57 -64.83 27.73
N ARG J 128 53.96 -65.88 28.45
CA ARG J 128 53.03 -66.92 28.85
C ARG J 128 52.68 -67.84 27.69
N THR J 129 53.67 -68.12 26.84
CA THR J 129 54.64 -69.19 27.13
C THR J 129 55.59 -68.78 28.24
N THR J 130 55.27 -69.19 29.47
CA THR J 130 56.25 -69.19 30.55
C THR J 130 57.26 -68.08 30.37
ZN ZN K . -37.71 34.27 -8.31
CAA X23 L . -44.67 23.05 -8.70
CB X23 L . -44.04 22.52 -7.44
CA X23 L . -44.30 21.03 -7.25
N X23 L . -45.68 20.81 -6.81
C X23 L . -43.33 20.60 -6.17
O X23 L . -43.63 20.57 -4.99
NAX X23 L . -42.14 20.29 -6.62
CBH X23 L . -41.08 19.93 -5.68
CBA X23 L . -39.82 20.62 -6.22
OAF X23 L . -39.85 21.16 -7.33
NBJ X23 L . -38.70 20.67 -5.53
CBE X23 L . -40.91 18.42 -5.34
CAR X23 L . -41.76 17.52 -6.25
NAB X23 L . -41.33 16.12 -6.19
CAS X23 L . -39.43 17.98 -5.32
CAT X23 L . -38.60 18.59 -4.17
CBF X23 L . -38.47 20.12 -4.18
CAU X23 L . -37.05 20.57 -3.82
CAV X23 L . -36.80 21.76 -4.74
CBI X23 L . -37.53 21.38 -6.05
CAZ X23 L . -36.56 20.53 -6.89
OAE X23 L . -36.65 19.32 -7.02
NAW X23 L . -35.66 21.33 -7.41
CBG X23 L . -34.44 21.14 -8.22
CBC X23 L . -33.38 20.09 -7.67
CAO X23 L . -32.54 20.47 -6.63
CAK X23 L . -31.57 19.58 -6.14
CAH X23 L . -31.46 18.32 -6.73
CAL X23 L . -32.29 17.96 -7.80
CAP X23 L . -33.24 18.84 -8.28
CBB X23 L . -34.45 21.70 -9.62
CAM X23 L . -35.64 22.02 -10.24
CAI X23 L . -35.60 22.64 -11.48
CAG X23 L . -34.38 22.97 -12.06
CAJ X23 L . -33.18 22.69 -11.40
CAN X23 L . -33.22 22.07 -10.15
ZN ZN M . -21.15 28.89 10.59
CAA X23 N . -25.94 17.81 15.25
CB X23 N . -26.01 16.63 14.31
CA X23 N . -27.26 15.81 14.51
N X23 N . -26.90 14.39 14.38
C X23 N . -28.27 16.17 13.43
O X23 N . -28.18 15.69 12.30
NAX X23 N . -29.22 17.04 13.76
CBH X23 N . -30.20 17.48 12.76
CBA X23 N . -30.39 18.99 12.86
OAF X23 N . -29.93 19.58 13.84
NBJ X23 N . -31.03 19.72 11.93
CBE X23 N . -31.55 16.69 12.71
CAR X23 N . -31.85 15.93 14.01
NAB X23 N . -32.82 14.86 13.75
CAS X23 N . -32.74 17.59 12.33
CAT X23 N . -32.67 18.09 10.88
CBF X23 N . -31.63 19.22 10.66
CAU X23 N . -32.32 20.45 10.08
CAV X23 N . -31.42 21.59 10.56
CBI X23 N . -31.17 21.18 12.02
CAZ X23 N . -32.31 21.75 12.89
OAE X23 N . -33.11 21.07 13.53
NAW X23 N . -32.28 23.08 12.83
CBG X23 N . -33.11 24.16 13.42
CBC X23 N . -34.63 23.99 13.49
CAO X23 N . -35.35 24.64 12.47
CAK X23 N . -36.74 24.58 12.44
CAH X23 N . -37.41 23.87 13.44
CAL X23 N . -36.69 23.24 14.45
CAP X23 N . -35.29 23.30 14.48
CBB X23 N . -32.49 24.73 14.70
CAM X23 N . -31.48 24.05 15.38
CAI X23 N . -30.90 24.62 16.51
CAG X23 N . -31.34 25.87 16.96
CAJ X23 N . -32.33 26.56 16.27
CAN X23 N . -32.91 25.99 15.14
ZN ZN O . -41.79 43.65 7.44
CAA X23 P . -42.58 35.71 17.64
CB X23 P . -42.91 34.28 17.26
CA X23 P . -43.79 33.60 18.29
N X23 P . -43.11 32.41 18.79
C X23 P . -45.05 33.15 17.58
O X23 P . -45.08 32.12 16.91
NAX X23 P . -46.10 33.94 17.76
CBH X23 P . -47.38 33.65 17.11
CBA X23 P . -47.91 34.98 16.54
OAF X23 P . -47.33 36.03 16.82
NBJ X23 P . -48.98 35.02 15.74
CBE X23 P . -48.41 32.83 17.93
CAR X23 P . -48.07 32.75 19.42
NAB X23 P . -48.95 31.79 20.09
CAS X23 P . -49.86 33.32 17.75
CAT X23 P . -50.43 33.03 16.37
CBF X23 P . -49.80 33.89 15.24
CAU X23 P . -50.89 34.57 14.42
CAV X23 P . -50.20 35.82 13.93
CBI X23 P . -49.44 36.29 15.18
CAZ X23 P . -50.42 37.10 16.05
OAE X23 P . -50.89 36.68 17.11
NAW X23 P . -50.65 38.27 15.46
CBG X23 P . -51.54 39.42 15.78
CBC X23 P . -53.00 39.12 16.22
CAO X23 P . -53.94 39.00 15.19
CAK X23 P . -55.27 38.74 15.50
CAH X23 P . -55.66 38.62 16.83
CAL X23 P . -54.71 38.77 17.84
CAP X23 P . -53.37 39.01 17.55
CBB X23 P . -50.86 40.66 16.39
CAM X23 P . -49.58 40.58 16.94
CAI X23 P . -48.98 41.74 17.42
CAG X23 P . -49.64 42.97 17.30
CAJ X23 P . -50.91 43.06 16.72
CAN X23 P . -51.50 41.89 16.25
ZN ZN Q . 7.23 -13.10 3.62
CAA X23 R . -0.33 -18.90 -5.49
CB X23 R . -0.22 -17.65 -6.34
CA X23 R . -1.28 -17.63 -7.45
N X23 R . -0.94 -18.59 -8.50
C X23 R . -1.26 -16.22 -8.02
O X23 R . -0.62 -15.96 -9.05
NAX X23 R . -1.94 -15.32 -7.32
CBH X23 R . -1.96 -13.90 -7.71
CBA X23 R . -2.06 -13.09 -6.41
OAF X23 R . -2.28 -13.68 -5.36
NBJ X23 R . -1.89 -11.76 -6.37
CBE X23 R . -3.00 -13.48 -8.80
CAR X23 R . -4.10 -14.50 -9.05
NAB X23 R . -4.65 -14.29 -10.39
CAS X23 R . -3.62 -12.09 -8.52
CAT X23 R . -2.62 -10.92 -8.64
CBF X23 R . -1.58 -10.83 -7.48
CAU X23 R . -1.65 -9.45 -6.85
CAV X23 R . -1.22 -9.72 -5.42
CBI X23 R . -1.93 -11.03 -5.10
CAZ X23 R . -3.33 -10.73 -4.56
OAE X23 R . -4.39 -10.96 -5.16
NAW X23 R . -3.19 -10.17 -3.37
CBG X23 R . -4.08 -9.64 -2.34
CBC X23 R . -5.05 -8.52 -2.61
CAO X23 R . -4.54 -7.23 -2.61
CAK X23 R . -5.39 -6.14 -2.86
CAH X23 R . -6.74 -6.38 -3.12
CAL X23 R . -7.24 -7.69 -3.14
CAP X23 R . -6.39 -8.77 -2.89
CBB X23 R . -4.42 -10.61 -1.21
CAM X23 R . -4.20 -11.98 -1.32
CAI X23 R . -4.45 -12.80 -0.22
CAG X23 R . -4.89 -12.24 0.98
CAJ X23 R . -5.09 -10.87 1.10
CAN X23 R . -4.84 -10.06 0.01
ZN ZN S . 24.14 -8.46 -3.11
CAA X23 T . 23.12 -2.57 -14.51
CB X23 T . 21.79 -2.96 -15.12
CA X23 T . 21.90 -3.00 -16.63
N X23 T . 20.99 -1.99 -17.19
C X23 T . 21.47 -4.39 -17.05
O X23 T . 20.30 -4.69 -17.19
NAX X23 T . 22.45 -5.25 -17.27
CBH X23 T . 22.15 -6.64 -17.65
CBA X23 T . 23.12 -7.53 -16.86
OAF X23 T . 24.04 -7.03 -16.22
NBJ X23 T . 22.98 -8.84 -16.82
CBE X23 T . 22.08 -6.94 -19.18
CAR X23 T . 22.72 -5.82 -20.02
NAB X23 T . 22.47 -6.03 -21.45
CAS X23 T . 22.73 -8.29 -19.56
CAT X23 T . 21.96 -9.51 -19.03
CBF X23 T . 21.95 -9.68 -17.49
CAU X23 T . 22.33 -11.12 -17.14
CAV X23 T . 23.11 -10.98 -15.83
CBI X23 T . 23.89 -9.67 -16.01
CAZ X23 T . 25.23 -9.99 -16.68
OAE X23 T . 25.52 -9.65 -17.83
NAW X23 T . 25.98 -10.64 -15.80
CBG X23 T . 27.32 -11.27 -15.87
CBC X23 T . 27.65 -12.08 -17.12
CAO X23 T . 27.24 -13.42 -17.10
CAK X23 T . 27.52 -14.26 -18.18
CAH X23 T . 28.22 -13.74 -19.27
CAL X23 T . 28.63 -12.40 -19.28
CAP X23 T . 28.35 -11.56 -18.20
CBB X23 T . 28.48 -10.49 -15.22
CAM X23 T . 28.37 -9.13 -14.95
CAI X23 T . 29.42 -8.50 -14.31
CAG X23 T . 30.55 -9.21 -13.93
CAJ X23 T . 30.65 -10.59 -14.19
CAN X23 T . 29.60 -11.22 -14.82
ZN ZN U . 17.62 -33.10 -10.37
CAA X23 V . 13.15 -31.12 -22.55
CB X23 V . 12.87 -29.64 -22.34
CA X23 V . 12.53 -28.88 -23.62
N X23 V . 13.32 -29.35 -24.77
C X23 V . 12.89 -27.43 -23.33
O X23 V . 13.85 -26.88 -23.86
NAX X23 V . 12.09 -26.86 -22.44
CBH X23 V . 12.29 -25.48 -21.97
CBA X23 V . 11.97 -25.50 -20.47
OAF X23 V . 11.38 -26.47 -19.97
NBJ X23 V . 12.30 -24.48 -19.69
CBE X23 V . 11.58 -24.35 -22.76
CAR X23 V . 10.44 -24.85 -23.65
NAB X23 V . 10.24 -23.94 -24.79
CAS X23 V . 11.08 -23.20 -21.84
CAT X23 V . 12.23 -22.43 -21.14
CBF X23 V . 13.02 -23.25 -20.09
CAU X23 V . 13.16 -22.44 -18.80
CAV X23 V . 13.09 -23.51 -17.70
CBI X23 V . 12.03 -24.49 -18.23
CAZ X23 V . 10.63 -24.03 -17.78
OAE X23 V . 9.72 -23.68 -18.54
NAW X23 V . 10.56 -24.08 -16.46
CBG X23 V . 9.48 -23.75 -15.49
CBC X23 V . 8.76 -22.41 -15.59
CAO X23 V . 9.25 -21.34 -14.85
CAK X23 V . 8.60 -20.10 -14.90
CAH X23 V . 7.46 -19.95 -15.68
CAL X23 V . 6.96 -21.03 -16.41
CAP X23 V . 7.61 -22.27 -16.36
CBB X23 V . 8.62 -24.97 -15.08
CAM X23 V . 8.75 -26.19 -15.75
CAI X23 V . 8.00 -27.28 -15.34
CAG X23 V . 7.16 -27.17 -14.24
CAJ X23 V . 7.05 -25.95 -13.55
CAN X23 V . 7.79 -24.85 -13.97
ZN ZN W . -4.37 8.39 10.81
CAA X23 X . -12.68 -1.10 7.70
CB X23 X . -12.74 -1.38 6.21
CA X23 X . -14.16 -1.78 5.80
N X23 X . -14.11 -3.08 5.12
C X23 X . -14.70 -0.71 4.83
O X23 X . -14.57 -0.83 3.61
NAX X23 X . -15.34 0.30 5.42
CBH X23 X . -15.90 1.39 4.62
CBA X23 X . -15.76 2.68 5.45
OAF X23 X . -15.47 2.59 6.65
NBJ X23 X . -15.95 3.88 4.91
CBE X23 X . -17.32 1.15 4.04
CAR X23 X . -18.12 0.12 4.82
NAB X23 X . -19.07 -0.58 3.93
CAS X23 X . -18.15 2.45 3.94
CAT X23 X . -17.56 3.50 2.99
CBF X23 X . -16.27 4.20 3.51
CAU X23 X . -16.45 5.72 3.49
CAV X23 X . -15.49 6.16 4.59
CBI X23 X . -15.78 5.13 5.68
CAZ X23 X . -17.01 5.58 6.50
OAE X23 X . -18.08 4.96 6.50
NAW X23 X . -16.73 6.71 7.14
CBG X23 X . -17.52 7.59 8.04
CBC X23 X . -18.97 7.91 7.71
CAO X23 X . -19.17 9.05 6.94
CAK X23 X . -20.47 9.45 6.59
CAH X23 X . -21.55 8.68 7.02
CAL X23 X . -21.34 7.55 7.79
CAP X23 X . -20.04 7.14 8.15
CBB X23 X . -17.28 7.25 9.54
CAM X23 X . -16.64 6.08 9.92
CAI X23 X . -16.40 5.83 11.27
CAG X23 X . -16.80 6.76 12.22
CAJ X23 X . -17.44 7.94 11.85
CAN X23 X . -17.67 8.19 10.51
ZN ZN Y . -12.97 27.17 -6.20
CAA X23 Z . -19.97 19.48 -13.77
CB X23 Z . -21.18 18.75 -13.23
CA X23 Z . -21.33 17.40 -13.91
N X23 Z . -22.74 17.18 -14.23
C X23 Z . -20.88 16.34 -12.93
O X23 Z . -21.69 15.82 -12.15
NAX X23 Z . -19.61 16.02 -13.01
CBH X23 Z . -19.02 15.02 -12.11
CBA X23 Z . -17.55 15.42 -11.86
OAF X23 Z . -17.01 16.28 -12.55
NBJ X23 Z . -16.86 14.86 -10.88
CBE X23 Z . -19.21 13.53 -12.49
CAR X23 Z . -19.59 13.30 -13.97
NAB X23 Z . -19.76 11.85 -14.27
CAS X23 Z . -17.99 12.64 -12.11
CAT X23 Z . -17.77 12.53 -10.59
CBF X23 Z . -17.28 13.84 -9.91
CAU X23 Z . -16.04 13.56 -9.07
CAV X23 Z . -15.25 14.87 -9.18
CBI X23 Z . -15.47 15.27 -10.65
CAZ X23 Z . -14.44 14.53 -11.52
OAE X23 Z . -14.71 13.52 -12.17
NAW X23 Z . -13.28 15.17 -11.44
CBG X23 Z . -11.93 14.89 -11.95
CBC X23 Z . -11.36 13.45 -11.84
CAO X23 Z . -10.96 12.93 -10.61
CAK X23 Z . -10.44 11.63 -10.54
CAH X23 Z . -10.33 10.87 -11.70
CAL X23 Z . -10.73 11.39 -12.94
CAP X23 Z . -11.24 12.69 -13.00
CBB X23 Z . -11.28 15.93 -12.88
CAM X23 Z . -12.05 16.86 -13.58
CAI X23 Z . -11.39 17.83 -14.33
CAG X23 Z . -9.99 17.88 -14.35
CAJ X23 Z . -9.22 16.98 -13.62
CAN X23 Z . -9.88 16.01 -12.86
ZN ZN AA . 36.09 -30.60 -10.00
CAA X23 BA . 39.53 -20.19 -16.73
CB X23 BA . 38.77 -19.30 -17.71
CA X23 BA . 39.58 -19.08 -18.99
N X23 BA . 39.39 -17.70 -19.47
C X23 BA . 39.05 -20.04 -20.04
O X23 BA . 37.88 -20.03 -20.39
NAX X23 BA . 39.95 -20.88 -20.53
CBH X23 BA . 39.50 -21.87 -21.52
CBA X23 BA . 40.02 -23.27 -21.11
OAF X23 BA . 40.76 -23.39 -20.13
NBJ X23 BA . 39.67 -24.37 -21.76
CBE X23 BA . 39.70 -21.47 -23.03
CAR X23 BA . 40.38 -20.09 -23.25
NAB X23 BA . 41.81 -20.18 -23.61
CAS X23 BA . 40.32 -22.60 -23.87
CAT X23 BA . 39.31 -23.72 -24.17
CBF X23 BA . 38.77 -24.49 -22.93
CAU X23 BA . 38.75 -25.99 -23.25
CAV X23 BA . 39.13 -26.66 -21.92
CBI X23 BA . 40.13 -25.70 -21.30
CAZ X23 BA . 41.56 -26.06 -21.75
OAE X23 BA . 42.24 -25.32 -22.45
NAW X23 BA . 41.90 -27.24 -21.25
CBG X23 BA . 43.13 -28.10 -21.36
CBC X23 BA . 43.82 -28.23 -22.76
CAO X23 BA . 43.25 -29.14 -23.67
CAK X23 BA . 43.86 -29.34 -24.91
CAH X23 BA . 45.03 -28.65 -25.21
CAL X23 BA . 45.60 -27.77 -24.30
CAP X23 BA . 45.00 -27.57 -23.05
CBB X23 BA . 44.06 -28.06 -20.14
CAM X23 BA . 43.99 -27.02 -19.22
CAI X23 BA . 44.81 -27.05 -18.09
CAG X23 BA . 45.67 -28.14 -17.88
CAJ X23 BA . 45.72 -29.19 -18.80
CAN X23 BA . 44.91 -29.16 -19.93
ZN ZN CA . 40.23 -44.13 11.49
CAA X23 DA . 45.24 -44.21 23.89
CB X23 DA . 45.17 -45.70 24.20
CA X23 DA . 44.99 -45.91 25.70
N X23 DA . 46.24 -46.42 26.28
C X23 DA . 43.86 -46.92 25.88
O X23 DA . 44.08 -48.12 25.85
NAX X23 DA . 42.67 -46.36 26.06
CBH X23 DA . 41.47 -47.20 26.21
CBA X23 DA . 40.36 -46.58 25.33
OAF X23 DA . 40.55 -45.50 24.77
NBJ X23 DA . 39.20 -47.20 25.12
CBE X23 DA . 41.01 -47.47 27.67
CAR X23 DA . 41.66 -46.53 28.71
NAB X23 DA . 41.70 -47.19 30.02
CAS X23 DA . 39.48 -47.42 27.85
CAT X23 DA . 38.76 -48.59 27.18
CBF X23 DA . 38.76 -48.52 25.64
CAU X23 DA . 37.33 -48.67 25.12
CAV X23 DA . 37.36 -47.86 23.83
CBI X23 DA . 38.17 -46.63 24.24
CAZ X23 DA . 37.23 -45.61 24.91
OAE X23 DA . 37.34 -45.29 26.09
NAW X23 DA . 36.33 -45.18 24.03
CBG X23 DA . 35.19 -44.22 24.11
CBC X23 DA . 34.12 -44.40 25.18
CAO X23 DA . 33.01 -45.20 24.91
CAK X23 DA . 32.01 -45.36 25.86
CAH X23 DA . 32.12 -44.71 27.09
CAL X23 DA . 33.22 -43.90 27.36
CAP X23 DA . 34.23 -43.74 26.40
CBB X23 DA . 35.53 -42.77 23.72
CAM X23 DA . 36.84 -42.31 23.66
CAI X23 DA . 37.08 -41.01 23.24
CAG X23 DA . 36.02 -40.18 22.86
CAJ X23 DA . 34.71 -40.64 22.91
CAN X23 DA . 34.47 -41.94 23.32
#